data_2OZ4
#
_entry.id   2OZ4
#
_cell.length_a   185.396
_cell.length_b   69.342
_cell.length_c   88.173
_cell.angle_alpha   90.00
_cell.angle_beta   112.76
_cell.angle_gamma   90.00
#
_symmetry.space_group_name_H-M   'C 1 2 1'
#
loop_
_entity.id
_entity.type
_entity.pdbx_description
1 polymer 'Intercellular adhesion molecule 1'
2 polymer 'FAB FRAGMENT LIGHT CHAIN'
3 polymer 'FAB FRAGMENT, HEAVY CHAIN'
4 branched alpha-L-fucopyranose-(1-6)-2-acetamido-2-deoxy-beta-D-glucopyranose
5 non-polymer 2-acetamido-2-deoxy-beta-D-glucopyranose
6 non-polymer 'SULFATE ION'
7 non-polymer 'ZINC ION'
8 non-polymer 2-AMINO-2-HYDROXYMETHYL-PROPANE-1,3-DIOL
9 water water
#
loop_
_entity_poly.entity_id
_entity_poly.type
_entity_poly.pdbx_seq_one_letter_code
_entity_poly.pdbx_strand_id
1 'polypeptide(L)'
;VLPATPPQLVSPRVLEVDTQGTVVCSLDGLFPVSEAQVHLALGDQRLNPTVTYGNDSFSAKASVSVTAEDEGTQRLTCAV
ILGNQSQETLQTVTIYSFPAPNVILTKPEVSEGTEVTVKCEAHPRAKVTLNGVPAQPLGPRAQLLLKATPEDNGRSFSCS
ATLEVAGQLIHKNQTRELRVLYGPRLDERDCPGNWTWPENSQQTPMCQAWGNPLPELKCLKDGTFPLPIGESVTVTRDLE
GTYLCRARSTQGEVTREVTVNVLSP
;
A
2 'polypeptide(L)'
;DILLTQSPAILSVSPGERVSFSCRASQSIGTSIHWFQQRINGSPRLLIEYASESISGIPSRFSGSGSGTDFTLTINSVES
EDIADYYCQQSNVWPFTFGSGTKLEIKRADAAPTVSIFPPSSEQLTSGGASVVCFLNNFYPKDINVKWKIDGSERQNGVL
NSWTDQDSKDSTYSMSSTLTLTKDEYERHNSYTCEATHKTSTSPIVKSFNRNEC
;
L
3 'polypeptide(L)'
;EVQLQQSGPELVQPGASVKISCKTSGYTFSEFTMHWVKQSHGKSLEWIGGINTINGGSSYKQSFKDKATLTVDKSSSTAY
MELNSLTSEDSAVYYCATKGFAYWGQGTLVTVSAAKTTPPSVYPLAPGSAAQTNSMVTLGCLVKGYFPEPVTVTWNSGSL
SSGVHTFPAVLQSDLYTLSSSVTVPSSTWPSETVTCNVAHPASSTKVDKKIVPR
;
H
#
loop_
_chem_comp.id
_chem_comp.type
_chem_comp.name
_chem_comp.formula
FUC L-saccharide, alpha linking alpha-L-fucopyranose 'C6 H12 O5'
NAG D-saccharide, beta linking 2-acetamido-2-deoxy-beta-D-glucopyranose 'C8 H15 N O6'
SO4 non-polymer 'SULFATE ION' 'O4 S -2'
TRS non-polymer 2-AMINO-2-HYDROXYMETHYL-PROPANE-1,3-DIOL 'C4 H12 N O3 1'
ZN non-polymer 'ZINC ION' 'Zn 2'
#
# COMPACT_ATOMS: atom_id res chain seq x y z
N VAL A 1 1.61 18.24 63.09
CA VAL A 1 0.39 17.40 63.10
C VAL A 1 0.27 16.60 61.81
N LEU A 2 -0.38 15.45 61.88
CA LEU A 2 -0.64 14.61 60.71
C LEU A 2 -2.10 14.80 60.28
N PRO A 3 -2.33 15.13 58.99
CA PRO A 3 -3.68 15.45 58.55
C PRO A 3 -4.59 14.22 58.45
N ALA A 4 -5.90 14.45 58.38
CA ALA A 4 -6.88 13.37 58.24
C ALA A 4 -6.90 12.77 56.84
N THR A 5 -6.27 13.45 55.87
CA THR A 5 -6.16 12.95 54.50
C THR A 5 -5.15 11.78 54.42
N PRO A 6 -5.58 10.63 53.87
CA PRO A 6 -4.63 9.53 53.63
C PRO A 6 -3.62 9.85 52.52
N PRO A 7 -2.47 9.16 52.52
CA PRO A 7 -1.49 9.35 51.44
C PRO A 7 -1.99 8.86 50.09
N GLN A 8 -1.55 9.52 49.01
CA GLN A 8 -1.89 9.10 47.66
C GLN A 8 -0.87 8.06 47.20
N LEU A 9 -1.35 6.93 46.70
CA LEU A 9 -0.48 5.84 46.27
C LEU A 9 -0.70 5.57 44.79
N VAL A 10 0.38 5.60 44.02
CA VAL A 10 0.32 5.38 42.58
C VAL A 10 1.10 4.13 42.22
N SER A 11 0.42 3.17 41.62
CA SER A 11 1.01 1.90 41.23
C SER A 11 0.15 1.24 40.16
N PRO A 12 0.77 0.42 39.29
CA PRO A 12 -0.03 -0.29 38.29
C PRO A 12 -0.91 -1.35 38.94
N ARG A 13 -2.06 -1.63 38.32
CA ARG A 13 -3.01 -2.62 38.85
C ARG A 13 -2.49 -4.05 38.70
N VAL A 14 -1.59 -4.28 37.73
CA VAL A 14 -0.98 -5.59 37.51
C VAL A 14 0.53 -5.45 37.28
N LEU A 15 1.25 -6.55 37.48
CA LEU A 15 2.70 -6.56 37.33
C LEU A 15 3.17 -7.97 36.94
N GLU A 16 3.94 -8.07 35.85
CA GLU A 16 4.39 -9.37 35.35
C GLU A 16 5.52 -9.93 36.20
N VAL A 17 5.61 -11.25 36.29
CA VAL A 17 6.69 -11.92 37.01
C VAL A 17 8.04 -11.61 36.35
N ASP A 18 9.09 -11.52 37.17
CA ASP A 18 10.45 -11.21 36.71
C ASP A 18 10.52 -9.87 35.96
N THR A 19 9.75 -8.89 36.41
CA THR A 19 9.80 -7.53 35.86
C THR A 19 9.79 -6.52 37.01
N GLN A 20 10.31 -5.33 36.73
CA GLN A 20 10.44 -4.28 37.72
C GLN A 20 9.27 -3.30 37.61
N GLY A 21 8.62 -3.04 38.74
CA GLY A 21 7.54 -2.05 38.80
C GLY A 21 8.02 -0.72 39.35
N THR A 22 7.14 0.27 39.37
CA THR A 22 7.45 1.58 39.95
C THR A 22 6.27 2.09 40.78
N VAL A 23 6.52 2.32 42.07
CA VAL A 23 5.49 2.79 42.99
C VAL A 23 5.91 4.13 43.57
N VAL A 24 4.98 5.08 43.60
CA VAL A 24 5.22 6.37 44.25
C VAL A 24 4.10 6.69 45.24
N CYS A 25 4.49 7.12 46.44
CA CYS A 25 3.55 7.47 47.51
C CYS A 25 3.85 8.87 48.02
N SER A 26 2.80 9.67 48.21
CA SER A 26 2.98 11.08 48.56
C SER A 26 1.91 11.58 49.53
N LEU A 27 2.26 12.61 50.29
CA LEU A 27 1.34 13.26 51.22
C LEU A 27 1.78 14.70 51.50
N ASP A 28 0.82 15.61 51.56
CA ASP A 28 1.08 17.02 51.83
C ASP A 28 0.32 17.46 53.09
N GLY A 29 0.89 18.42 53.81
CA GLY A 29 0.24 19.02 54.98
C GLY A 29 0.62 18.40 56.30
N LEU A 30 1.82 17.84 56.39
CA LEU A 30 2.30 17.24 57.64
C LEU A 30 3.59 17.90 58.09
N PHE A 31 3.76 18.00 59.41
CA PHE A 31 4.97 18.58 59.99
C PHE A 31 5.13 18.19 61.45
N PRO A 32 6.38 18.06 61.93
CA PRO A 32 7.63 18.20 61.17
C PRO A 32 7.89 16.98 60.28
N VAL A 33 8.18 17.22 59.01
CA VAL A 33 8.33 16.13 58.03
C VAL A 33 9.55 15.26 58.33
N SER A 34 10.59 15.86 58.90
CA SER A 34 11.81 15.13 59.25
C SER A 34 11.55 14.03 60.29
N GLU A 35 10.57 14.25 61.16
CA GLU A 35 10.19 13.26 62.19
C GLU A 35 9.26 12.17 61.64
N ALA A 36 8.71 12.38 60.44
CA ALA A 36 7.78 11.44 59.84
C ALA A 36 8.50 10.20 59.31
N GLN A 37 7.93 9.02 59.59
CA GLN A 37 8.43 7.77 59.06
C GLN A 37 7.49 7.27 57.97
N VAL A 38 8.04 6.97 56.79
CA VAL A 38 7.26 6.40 55.70
C VAL A 38 7.63 4.94 55.53
N HIS A 39 6.64 4.06 55.63
CA HIS A 39 6.83 2.63 55.45
C HIS A 39 6.10 2.16 54.20
N LEU A 40 6.88 1.79 53.19
CA LEU A 40 6.35 1.35 51.90
C LEU A 40 6.65 -0.14 51.72
N ALA A 41 5.64 -0.92 51.35
CA ALA A 41 5.80 -2.37 51.23
C ALA A 41 4.77 -3.01 50.31
N LEU A 42 5.19 -4.04 49.59
CA LEU A 42 4.30 -4.83 48.73
C LEU A 42 4.17 -6.22 49.34
N GLY A 43 3.07 -6.45 50.05
CA GLY A 43 2.86 -7.70 50.78
C GLY A 43 3.82 -7.79 51.96
N ASP A 44 4.76 -8.74 51.89
CA ASP A 44 5.76 -8.93 52.95
C ASP A 44 7.04 -8.16 52.65
N GLN A 45 7.30 -7.92 51.37
CA GLN A 45 8.53 -7.25 50.93
C GLN A 45 8.53 -5.76 51.29
N ARG A 46 9.40 -5.37 52.22
CA ARG A 46 9.59 -3.97 52.59
C ARG A 46 10.37 -3.24 51.51
N LEU A 47 9.76 -2.24 50.88
CA LEU A 47 10.39 -1.49 49.81
C LEU A 47 11.35 -0.43 50.35
N ASN A 48 12.26 0.03 49.51
CA ASN A 48 13.23 1.07 49.88
C ASN A 48 13.05 2.30 48.97
N PRO A 49 12.16 3.23 49.37
CA PRO A 49 11.84 4.39 48.55
C PRO A 49 12.83 5.53 48.75
N THR A 50 13.27 6.13 47.64
CA THR A 50 14.04 7.37 47.68
C THR A 50 13.06 8.52 47.88
N VAL A 51 13.12 9.17 49.04
CA VAL A 51 12.12 10.16 49.44
C VAL A 51 12.57 11.59 49.15
N THR A 52 11.76 12.32 48.39
CA THR A 52 11.95 13.75 48.15
C THR A 52 11.09 14.52 49.15
N TYR A 53 11.68 15.52 49.80
CA TYR A 53 11.01 16.28 50.85
C TYR A 53 10.71 17.71 50.43
N GLY A 54 9.57 18.23 50.90
CA GLY A 54 9.30 19.66 50.93
C GLY A 54 9.32 20.09 52.38
N ASN A 55 8.94 21.33 52.65
CA ASN A 55 8.85 21.79 54.04
C ASN A 55 7.64 21.22 54.76
N ASP A 56 6.66 20.77 53.98
CA ASP A 56 5.35 20.39 54.50
C ASP A 56 4.88 19.05 53.92
N SER A 57 5.78 18.32 53.25
CA SER A 57 5.37 17.16 52.44
C SER A 57 6.53 16.19 52.15
N PHE A 58 6.17 15.02 51.61
CA PHE A 58 7.16 14.06 51.11
C PHE A 58 6.66 13.37 49.85
N SER A 59 7.59 12.93 49.01
CA SER A 59 7.28 12.14 47.83
C SER A 59 8.22 10.93 47.78
N ALA A 60 7.67 9.74 47.99
CA ALA A 60 8.44 8.51 48.10
C ALA A 60 8.29 7.64 46.86
N LYS A 61 9.34 7.58 46.04
CA LYS A 61 9.35 6.79 44.81
C LYS A 61 10.25 5.57 45.00
N ALA A 62 9.74 4.39 44.64
CA ALA A 62 10.49 3.14 44.85
C ALA A 62 10.23 2.12 43.74
N SER A 63 11.31 1.50 43.26
CA SER A 63 11.19 0.35 42.35
C SER A 63 10.84 -0.89 43.15
N VAL A 64 10.26 -1.88 42.46
CA VAL A 64 9.87 -3.12 43.10
C VAL A 64 9.96 -4.29 42.12
N SER A 65 10.94 -5.17 42.33
CA SER A 65 11.07 -6.38 41.53
C SER A 65 10.17 -7.47 42.08
N VAL A 66 9.65 -8.32 41.20
CA VAL A 66 8.78 -9.42 41.60
C VAL A 66 9.19 -10.71 40.90
N THR A 67 9.04 -11.84 41.61
CA THR A 67 9.41 -13.15 41.09
C THR A 67 8.21 -14.11 41.19
N ALA A 68 8.44 -15.39 40.89
CA ALA A 68 7.39 -16.41 41.01
C ALA A 68 6.86 -16.52 42.44
N GLU A 69 7.71 -16.21 43.42
CA GLU A 69 7.32 -16.24 44.84
C GLU A 69 6.32 -15.13 45.20
N ASP A 70 6.17 -14.13 44.34
CA ASP A 70 5.23 -13.03 44.56
C ASP A 70 3.91 -13.24 43.81
N GLU A 71 3.86 -14.23 42.93
CA GLU A 71 2.69 -14.42 42.05
C GLU A 71 1.40 -14.52 42.85
N GLY A 72 0.36 -13.85 42.35
CA GLY A 72 -0.93 -13.78 43.04
C GLY A 72 -1.28 -12.34 43.37
N THR A 73 -2.35 -12.14 44.14
CA THR A 73 -2.77 -10.82 44.57
C THR A 73 -2.01 -10.39 45.82
N GLN A 74 -1.04 -9.49 45.65
CA GLN A 74 -0.32 -8.90 46.78
C GLN A 74 -0.94 -7.56 47.15
N ARG A 75 -0.63 -7.08 48.35
CA ARG A 75 -1.16 -5.82 48.84
C ARG A 75 -0.07 -4.76 48.95
N LEU A 76 -0.15 -3.74 48.10
CA LEU A 76 0.74 -2.59 48.20
C LEU A 76 0.19 -1.64 49.24
N THR A 77 1.02 -1.30 50.23
CA THR A 77 0.60 -0.41 51.31
C THR A 77 1.62 0.69 51.55
N CYS A 78 1.12 1.87 51.94
CA CYS A 78 1.96 3.01 52.26
C CYS A 78 1.51 3.63 53.59
N ALA A 79 2.22 3.27 54.66
CA ALA A 79 1.93 3.78 56.00
C ALA A 79 2.78 5.01 56.29
N VAL A 80 2.18 5.98 56.98
CA VAL A 80 2.90 7.15 57.45
C VAL A 80 2.55 7.39 58.92
N ILE A 81 3.55 7.24 59.79
CA ILE A 81 3.37 7.54 61.21
C ILE A 81 4.12 8.84 61.55
N LEU A 82 3.45 9.74 62.27
CA LEU A 82 4.04 10.97 62.74
C LEU A 82 3.74 11.13 64.22
N GLY A 83 4.57 10.50 65.05
CA GLY A 83 4.38 10.50 66.50
C GLY A 83 3.24 9.57 66.89
N ASN A 84 2.17 10.15 67.42
CA ASN A 84 1.04 9.38 67.93
C ASN A 84 0.00 9.04 66.86
N GLN A 85 -0.07 9.87 65.82
CA GLN A 85 -1.02 9.66 64.74
C GLN A 85 -0.41 8.84 63.60
N SER A 86 -1.27 8.35 62.72
CA SER A 86 -0.86 7.47 61.63
C SER A 86 -1.92 7.41 60.55
N GLN A 87 -1.49 7.48 59.29
CA GLN A 87 -2.38 7.33 58.15
C GLN A 87 -1.73 6.37 57.16
N GLU A 88 -2.52 5.45 56.64
CA GLU A 88 -2.02 4.44 55.71
C GLU A 88 -2.97 4.23 54.54
N THR A 89 -2.41 3.98 53.37
CA THR A 89 -3.20 3.72 52.16
C THR A 89 -2.91 2.33 51.61
N LEU A 90 -3.96 1.58 51.31
CA LEU A 90 -3.86 0.23 50.79
C LEU A 90 -4.25 0.20 49.32
N GLN A 91 -3.60 -0.67 48.55
CA GLN A 91 -3.97 -0.87 47.15
C GLN A 91 -3.55 -2.27 46.70
N THR A 92 -4.46 -2.97 46.02
CA THR A 92 -4.18 -4.32 45.54
C THR A 92 -3.36 -4.27 44.26
N VAL A 93 -2.44 -5.23 44.12
CA VAL A 93 -1.65 -5.40 42.90
C VAL A 93 -1.56 -6.89 42.61
N THR A 94 -1.93 -7.29 41.39
CA THR A 94 -1.91 -8.69 40.99
C THR A 94 -0.64 -9.01 40.21
N ILE A 95 0.18 -9.90 40.77
CA ILE A 95 1.38 -10.37 40.08
C ILE A 95 1.03 -11.61 39.29
N TYR A 96 1.14 -11.52 37.96
CA TYR A 96 0.71 -12.59 37.06
C TYR A 96 1.88 -13.17 36.28
N SER A 97 1.82 -14.48 36.03
CA SER A 97 2.79 -15.14 35.17
C SER A 97 2.11 -15.47 33.84
N PHE A 98 2.61 -14.88 32.77
CA PHE A 98 2.03 -15.06 31.44
C PHE A 98 3.14 -15.22 30.40
N PRO A 99 3.62 -16.47 30.21
CA PRO A 99 4.63 -16.76 29.19
C PRO A 99 4.14 -16.42 27.79
N ALA A 100 5.10 -16.18 26.88
CA ALA A 100 4.75 -15.91 25.49
C ALA A 100 4.18 -17.18 24.85
N PRO A 101 3.24 -17.02 23.90
CA PRO A 101 2.67 -18.20 23.24
C PRO A 101 3.72 -19.02 22.52
N ASN A 102 3.58 -20.35 22.56
CA ASN A 102 4.53 -21.24 21.91
C ASN A 102 4.01 -21.70 20.55
N VAL A 103 4.38 -20.96 19.50
CA VAL A 103 4.13 -21.40 18.12
C VAL A 103 5.09 -22.53 17.81
N ILE A 104 4.55 -23.71 17.52
CA ILE A 104 5.35 -24.92 17.36
C ILE A 104 5.07 -25.59 16.01
N LEU A 105 6.15 -25.83 15.26
CA LEU A 105 6.05 -26.49 13.95
C LEU A 105 6.51 -27.93 14.06
N THR A 106 5.83 -28.84 13.34
CA THR A 106 6.19 -30.25 13.33
C THR A 106 7.63 -30.44 12.91
N LYS A 107 8.00 -29.80 11.80
CA LYS A 107 9.38 -29.76 11.34
C LYS A 107 9.70 -28.33 10.88
N PRO A 108 10.87 -27.80 11.24
CA PRO A 108 11.23 -26.42 10.88
C PRO A 108 11.48 -26.23 9.39
N GLU A 109 12.14 -27.20 8.75
CA GLU A 109 12.35 -27.19 7.31
C GLU A 109 11.72 -28.44 6.68
N VAL A 110 10.83 -28.23 5.71
CA VAL A 110 10.09 -29.32 5.09
C VAL A 110 10.24 -29.27 3.56
N SER A 111 9.95 -30.39 2.90
CA SER A 111 9.95 -30.45 1.44
C SER A 111 8.59 -30.02 0.88
N GLU A 112 8.57 -29.67 -0.40
CA GLU A 112 7.35 -29.20 -1.08
C GLU A 112 6.29 -30.30 -1.08
N GLY A 113 5.03 -29.90 -0.95
CA GLY A 113 3.90 -30.83 -1.00
C GLY A 113 3.72 -31.70 0.23
N THR A 114 4.34 -31.30 1.35
CA THR A 114 4.28 -32.06 2.59
C THR A 114 3.20 -31.48 3.51
N GLU A 115 2.56 -32.35 4.28
CA GLU A 115 1.50 -31.93 5.21
C GLU A 115 2.11 -31.34 6.48
N VAL A 116 2.19 -30.02 6.53
CA VAL A 116 2.71 -29.30 7.70
C VAL A 116 1.55 -28.78 8.54
N THR A 117 1.65 -28.95 9.86
CA THR A 117 0.63 -28.45 10.78
C THR A 117 1.25 -27.51 11.82
N VAL A 118 0.69 -26.31 11.91
CA VAL A 118 1.19 -25.27 12.80
C VAL A 118 0.27 -25.11 14.01
N LYS A 119 0.84 -25.29 15.21
CA LYS A 119 0.08 -25.18 16.46
C LYS A 119 0.59 -24.02 17.30
N CYS A 120 -0.27 -23.47 18.14
CA CYS A 120 0.12 -22.45 19.11
C CYS A 120 -0.59 -22.66 20.46
N GLU A 121 0.17 -23.07 21.47
CA GLU A 121 -0.37 -23.23 22.83
C GLU A 121 0.07 -22.06 23.72
N ALA A 122 -0.75 -21.73 24.71
CA ALA A 122 -0.49 -20.62 25.62
C ALA A 122 -0.99 -20.92 27.03
N HIS A 123 -1.12 -19.87 27.86
CA HIS A 123 -1.64 -20.00 29.21
C HIS A 123 -3.08 -20.53 29.19
N PRO A 124 -3.39 -21.53 30.04
CA PRO A 124 -4.72 -22.16 30.08
C PRO A 124 -5.91 -21.19 30.03
N ARG A 125 -5.87 -20.16 30.86
CA ARG A 125 -6.97 -19.17 30.90
C ARG A 125 -6.92 -18.16 29.76
N ALA A 126 -5.76 -18.06 29.09
CA ALA A 126 -5.59 -17.15 27.96
C ALA A 126 -6.31 -17.66 26.71
N LYS A 127 -6.53 -16.76 25.76
CA LYS A 127 -7.21 -17.10 24.50
C LYS A 127 -6.34 -16.68 23.31
N VAL A 128 -6.09 -17.63 22.40
CA VAL A 128 -5.11 -17.44 21.33
C VAL A 128 -5.72 -17.34 19.93
N THR A 129 -4.95 -16.76 19.01
CA THR A 129 -5.36 -16.62 17.61
C THR A 129 -4.13 -16.80 16.72
N LEU A 130 -4.24 -17.68 15.73
CA LEU A 130 -3.11 -18.02 14.84
C LEU A 130 -3.33 -17.41 13.45
N ASN A 131 -2.56 -16.37 13.14
CA ASN A 131 -2.73 -15.59 11.91
C ASN A 131 -4.19 -15.14 11.69
N GLY A 132 -4.79 -14.57 12.73
CA GLY A 132 -6.16 -14.08 12.67
C GLY A 132 -7.22 -15.18 12.62
N VAL A 133 -6.85 -16.38 13.06
CA VAL A 133 -7.77 -17.52 13.08
C VAL A 133 -7.65 -18.24 14.43
N PRO A 134 -8.77 -18.32 15.18
CA PRO A 134 -10.10 -17.83 14.86
C PRO A 134 -10.22 -16.31 15.06
N ALA A 135 -11.11 -15.68 14.28
CA ALA A 135 -11.43 -14.27 14.47
C ALA A 135 -12.23 -14.11 15.77
N GLN A 136 -11.77 -13.21 16.63
CA GLN A 136 -12.20 -13.14 18.03
C GLN A 136 -11.69 -14.37 18.79
N PRO A 137 -10.74 -14.16 19.73
CA PRO A 137 -10.02 -15.29 20.34
C PRO A 137 -10.90 -16.19 21.22
N LEU A 138 -10.71 -17.50 21.09
CA LEU A 138 -11.49 -18.50 21.81
C LEU A 138 -10.62 -19.71 22.15
N GLY A 139 -10.45 -19.98 23.44
CA GLY A 139 -9.66 -21.13 23.90
C GLY A 139 -8.16 -20.90 23.80
N PRO A 140 -7.37 -21.66 24.60
CA PRO A 140 -5.94 -21.38 24.76
C PRO A 140 -5.01 -21.89 23.65
N ARG A 141 -5.55 -22.62 22.66
CA ARG A 141 -4.70 -23.16 21.59
C ARG A 141 -5.45 -23.33 20.26
N ALA A 142 -4.71 -23.11 19.16
CA ALA A 142 -5.29 -23.14 17.81
C ALA A 142 -4.38 -23.89 16.83
N GLN A 143 -5.00 -24.47 15.80
CA GLN A 143 -4.30 -25.26 14.79
C GLN A 143 -4.41 -24.63 13.41
N LEU A 144 -3.60 -25.13 12.47
CA LEU A 144 -3.66 -24.71 11.07
C LEU A 144 -2.96 -25.71 10.17
N LEU A 145 -3.72 -26.41 9.33
CA LEU A 145 -3.17 -27.37 8.38
C LEU A 145 -2.85 -26.67 7.06
N LEU A 146 -1.75 -27.07 6.42
CA LEU A 146 -1.35 -26.49 5.14
C LEU A 146 -0.59 -27.48 4.27
N LYS A 147 -0.94 -27.50 2.98
CA LYS A 147 -0.14 -28.18 1.97
C LYS A 147 1.05 -27.28 1.62
N ALA A 148 2.26 -27.71 1.96
CA ALA A 148 3.45 -26.88 1.77
C ALA A 148 3.71 -26.60 0.29
N THR A 149 3.95 -25.32 -0.02
CA THR A 149 4.23 -24.88 -1.39
C THR A 149 5.43 -23.93 -1.38
N PRO A 150 6.04 -23.67 -2.56
CA PRO A 150 7.17 -22.75 -2.62
C PRO A 150 6.88 -21.36 -2.04
N GLU A 151 5.63 -20.91 -2.14
CA GLU A 151 5.22 -19.61 -1.60
C GLU A 151 5.23 -19.59 -0.07
N ASP A 152 5.21 -20.78 0.54
CA ASP A 152 5.22 -20.90 2.00
C ASP A 152 6.63 -20.84 2.58
N ASN A 153 7.65 -20.82 1.73
CA ASN A 153 9.03 -20.68 2.20
C ASN A 153 9.25 -19.29 2.76
N GLY A 154 9.62 -19.22 4.04
CA GLY A 154 9.80 -17.95 4.72
C GLY A 154 8.50 -17.34 5.21
N ARG A 155 7.40 -18.10 5.14
CA ARG A 155 6.10 -17.63 5.59
C ARG A 155 6.05 -17.61 7.11
N SER A 156 5.76 -16.44 7.67
CA SER A 156 5.67 -16.29 9.12
C SER A 156 4.33 -16.77 9.65
N PHE A 157 4.35 -17.44 10.79
CA PHE A 157 3.12 -17.87 11.46
C PHE A 157 3.05 -17.21 12.84
N SER A 158 2.33 -16.10 12.90
CA SER A 158 2.22 -15.33 14.13
C SER A 158 1.08 -15.84 15.00
N CYS A 159 1.28 -15.81 16.31
CA CYS A 159 0.24 -16.20 17.27
C CYS A 159 0.06 -15.11 18.32
N SER A 160 -1.15 -14.58 18.42
CA SER A 160 -1.48 -13.55 19.41
C SER A 160 -2.32 -14.16 20.52
N ALA A 161 -1.91 -13.94 21.77
CA ALA A 161 -2.65 -14.43 22.93
C ALA A 161 -3.07 -13.26 23.82
N THR A 162 -4.19 -13.46 24.52
CA THR A 162 -4.73 -12.46 25.44
C THR A 162 -5.11 -13.11 26.76
N LEU A 163 -4.62 -12.54 27.86
CA LEU A 163 -4.89 -13.06 29.20
C LEU A 163 -5.59 -11.99 30.05
N GLU A 164 -6.71 -12.37 30.65
CA GLU A 164 -7.47 -11.49 31.53
C GLU A 164 -6.87 -11.53 32.93
N VAL A 165 -6.34 -10.39 33.38
CA VAL A 165 -5.71 -10.29 34.70
C VAL A 165 -6.23 -9.08 35.46
N ALA A 166 -6.95 -9.33 36.56
CA ALA A 166 -7.50 -8.27 37.41
C ALA A 166 -8.37 -7.29 36.64
N GLY A 167 -9.19 -7.80 35.74
CA GLY A 167 -10.12 -6.98 34.97
C GLY A 167 -9.48 -6.13 33.88
N GLN A 168 -8.44 -6.65 33.25
CA GLN A 168 -7.86 -6.00 32.07
C GLN A 168 -7.11 -6.99 31.18
N LEU A 169 -7.20 -6.76 29.87
CA LEU A 169 -6.65 -7.68 28.87
C LEU A 169 -5.17 -7.40 28.60
N ILE A 170 -4.32 -8.37 28.92
CA ILE A 170 -2.89 -8.29 28.62
C ILE A 170 -2.64 -9.03 27.31
N HIS A 171 -1.80 -8.46 26.45
CA HIS A 171 -1.55 -9.01 25.12
C HIS A 171 -0.10 -9.45 24.95
N LYS A 172 0.08 -10.60 24.31
CA LYS A 172 1.41 -11.08 23.91
C LYS A 172 1.31 -11.78 22.55
N ASN A 173 2.41 -11.83 21.82
CA ASN A 173 2.46 -12.60 20.59
C ASN A 173 3.82 -13.21 20.28
N GLN A 174 3.82 -14.22 19.42
CA GLN A 174 5.03 -14.91 18.99
C GLN A 174 4.96 -15.18 17.49
N THR A 175 6.13 -15.25 16.85
CA THR A 175 6.19 -15.44 15.40
C THR A 175 7.31 -16.42 15.03
N ARG A 176 7.00 -17.36 14.14
N ARG A 176 7.00 -17.36 14.15
CA ARG A 176 7.98 -18.33 13.65
CA ARG A 176 7.99 -18.31 13.64
C ARG A 176 7.82 -18.56 12.15
C ARG A 176 7.81 -18.55 12.15
N GLU A 177 8.93 -18.52 11.41
CA GLU A 177 8.91 -18.73 9.96
C GLU A 177 9.03 -20.21 9.61
N LEU A 178 8.33 -20.62 8.56
CA LEU A 178 8.49 -21.96 7.99
C LEU A 178 9.51 -21.92 6.86
N ARG A 179 10.38 -22.92 6.82
CA ARG A 179 11.29 -23.10 5.70
C ARG A 179 10.78 -24.24 4.83
N VAL A 180 10.67 -23.98 3.52
CA VAL A 180 10.16 -24.97 2.58
C VAL A 180 11.12 -25.12 1.41
N LEU A 181 11.74 -26.29 1.30
CA LEU A 181 12.58 -26.62 0.16
C LEU A 181 11.67 -27.09 -0.97
N TYR A 182 11.93 -26.59 -2.19
CA TYR A 182 11.15 -26.99 -3.35
C TYR A 182 12.05 -27.19 -4.55
N GLY A 183 11.79 -28.27 -5.30
CA GLY A 183 12.68 -28.73 -6.37
C GLY A 183 12.92 -27.69 -7.43
N PRO A 184 13.88 -27.94 -8.33
CA PRO A 184 14.21 -26.95 -9.35
C PRO A 184 13.02 -26.70 -10.28
N ARG A 185 12.96 -25.49 -10.83
CA ARG A 185 11.97 -25.15 -11.86
C ARG A 185 12.61 -24.27 -12.92
N LEU A 186 12.39 -24.62 -14.18
CA LEU A 186 12.72 -23.75 -15.30
C LEU A 186 11.44 -23.14 -15.85
N ASP A 187 10.98 -22.08 -15.20
CA ASP A 187 9.77 -21.38 -15.60
C ASP A 187 9.99 -20.60 -16.89
N GLU A 188 8.98 -20.59 -17.75
CA GLU A 188 9.09 -19.95 -19.06
C GLU A 188 9.40 -18.47 -18.96
N ARG A 189 8.81 -17.77 -18.00
CA ARG A 189 8.96 -16.32 -17.87
C ARG A 189 10.41 -15.90 -17.61
N ASP A 190 11.17 -16.73 -16.90
CA ASP A 190 12.59 -16.46 -16.67
C ASP A 190 13.51 -17.35 -17.49
N CYS A 191 12.93 -18.20 -18.34
CA CYS A 191 13.72 -19.04 -19.24
C CYS A 191 12.89 -19.49 -20.44
N PRO A 192 12.73 -18.61 -21.44
CA PRO A 192 11.92 -18.96 -22.62
C PRO A 192 12.60 -20.01 -23.50
N GLY A 193 11.79 -20.78 -24.21
CA GLY A 193 12.29 -21.92 -24.98
C GLY A 193 12.53 -21.66 -26.45
N ASN A 194 12.46 -20.40 -26.88
CA ASN A 194 12.62 -20.07 -28.30
C ASN A 194 13.21 -18.68 -28.53
N TRP A 195 14.37 -18.64 -29.17
CA TRP A 195 15.02 -17.38 -29.56
C TRP A 195 15.12 -17.30 -31.08
N THR A 196 15.08 -16.07 -31.59
CA THR A 196 15.33 -15.82 -33.00
C THR A 196 16.17 -14.55 -33.13
N TRP A 197 17.45 -14.71 -33.47
CA TRP A 197 18.38 -13.59 -33.56
C TRP A 197 18.93 -13.45 -34.97
N PRO A 198 19.21 -12.20 -35.39
CA PRO A 198 19.94 -12.01 -36.64
C PRO A 198 21.41 -12.38 -36.50
N GLU A 199 22.00 -12.90 -37.57
CA GLU A 199 23.41 -13.30 -37.58
C GLU A 199 24.29 -12.06 -37.38
N ASN A 200 25.43 -12.24 -36.72
CA ASN A 200 26.38 -11.16 -36.44
C ASN A 200 25.83 -10.02 -35.57
N SER A 201 24.85 -10.33 -34.73
CA SER A 201 24.27 -9.34 -33.81
C SER A 201 24.66 -9.65 -32.37
N GLN A 202 24.65 -8.63 -31.52
CA GLN A 202 24.95 -8.80 -30.09
C GLN A 202 23.68 -9.16 -29.35
N GLN A 203 23.70 -10.30 -28.67
CA GLN A 203 22.54 -10.79 -27.92
C GLN A 203 22.97 -11.41 -26.59
N THR A 204 22.06 -11.39 -25.63
CA THR A 204 22.29 -12.04 -24.33
C THR A 204 21.19 -13.08 -24.10
N PRO A 205 21.55 -14.38 -24.14
CA PRO A 205 20.56 -15.39 -23.83
C PRO A 205 20.25 -15.39 -22.34
N MET A 206 18.97 -15.55 -22.00
CA MET A 206 18.51 -15.40 -20.63
C MET A 206 17.78 -16.66 -20.16
N CYS A 207 18.15 -17.14 -18.98
CA CYS A 207 17.52 -18.32 -18.38
C CYS A 207 17.93 -18.43 -16.91
N GLN A 208 16.96 -18.24 -16.02
CA GLN A 208 17.19 -18.40 -14.58
C GLN A 208 16.28 -19.50 -14.02
N ALA A 209 16.84 -20.35 -13.19
CA ALA A 209 16.09 -21.45 -12.57
C ALA A 209 15.65 -21.05 -11.16
N TRP A 210 14.49 -21.57 -10.75
CA TRP A 210 13.96 -21.31 -9.42
C TRP A 210 14.12 -22.53 -8.54
N GLY A 211 14.26 -22.31 -7.24
CA GLY A 211 14.38 -23.41 -6.30
C GLY A 211 15.00 -23.01 -4.99
N ASN A 212 14.62 -23.72 -3.94
CA ASN A 212 15.27 -23.64 -2.64
C ASN A 212 15.83 -25.03 -2.34
N PRO A 213 17.17 -25.17 -2.31
CA PRO A 213 18.18 -24.14 -2.52
C PRO A 213 18.32 -23.72 -3.98
N LEU A 214 19.02 -22.61 -4.20
CA LEU A 214 19.24 -22.08 -5.56
C LEU A 214 19.82 -23.16 -6.46
N PRO A 215 19.11 -23.51 -7.55
CA PRO A 215 19.64 -24.54 -8.44
C PRO A 215 20.83 -24.08 -9.26
N GLU A 216 21.69 -25.03 -9.64
CA GLU A 216 22.80 -24.76 -10.56
C GLU A 216 22.32 -25.05 -11.99
N LEU A 217 22.73 -24.20 -12.93
CA LEU A 217 22.17 -24.21 -14.28
C LEU A 217 23.24 -24.47 -15.34
N LYS A 218 22.85 -25.18 -16.40
CA LYS A 218 23.75 -25.51 -17.50
C LYS A 218 22.96 -25.89 -18.75
N CYS A 219 23.25 -25.22 -19.86
CA CYS A 219 22.53 -25.43 -21.12
C CYS A 219 23.51 -25.85 -22.21
N LEU A 220 23.33 -27.07 -22.72
CA LEU A 220 24.25 -27.66 -23.69
C LEU A 220 23.52 -28.27 -24.89
N LYS A 221 24.11 -28.12 -26.08
CA LYS A 221 23.65 -28.82 -27.28
C LYS A 221 24.78 -29.64 -27.89
N ASP A 222 24.43 -30.53 -28.82
CA ASP A 222 25.42 -31.40 -29.48
C ASP A 222 26.47 -31.90 -28.48
N GLY A 223 26.00 -32.41 -27.35
CA GLY A 223 26.89 -32.90 -26.30
C GLY A 223 27.26 -31.82 -25.30
N THR A 224 28.32 -31.08 -25.60
CA THR A 224 28.92 -30.14 -24.66
C THR A 224 29.18 -28.76 -25.29
N PHE A 225 28.17 -28.20 -25.93
CA PHE A 225 28.28 -26.86 -26.51
C PHE A 225 27.49 -25.88 -25.63
N PRO A 226 28.18 -25.14 -24.75
CA PRO A 226 27.49 -24.33 -23.75
C PRO A 226 26.81 -23.10 -24.33
N LEU A 227 25.61 -22.81 -23.84
CA LEU A 227 24.93 -21.55 -24.13
C LEU A 227 25.31 -20.55 -23.04
N PRO A 228 25.98 -19.44 -23.41
CA PRO A 228 26.50 -18.53 -22.40
C PRO A 228 25.42 -17.62 -21.80
N ILE A 229 24.72 -18.14 -20.80
CA ILE A 229 23.65 -17.42 -20.12
C ILE A 229 24.21 -16.21 -19.37
N GLY A 230 23.59 -15.04 -19.58
CA GLY A 230 24.04 -13.81 -18.92
C GLY A 230 25.09 -13.03 -19.69
N GLU A 231 25.88 -13.72 -20.50
CA GLU A 231 26.94 -13.07 -21.27
C GLU A 231 26.37 -12.49 -22.56
N SER A 232 26.96 -11.38 -23.02
CA SER A 232 26.59 -10.77 -24.29
C SER A 232 27.54 -11.27 -25.37
N VAL A 233 27.01 -12.03 -26.32
CA VAL A 233 27.83 -12.68 -27.34
C VAL A 233 27.44 -12.26 -28.75
N THR A 234 28.40 -12.35 -29.68
CA THR A 234 28.11 -12.17 -31.09
C THR A 234 27.42 -13.42 -31.61
N VAL A 235 26.21 -13.27 -32.15
CA VAL A 235 25.46 -14.40 -32.67
C VAL A 235 26.06 -14.91 -33.99
N THR A 236 26.35 -16.20 -34.05
CA THR A 236 26.87 -16.84 -35.24
C THR A 236 26.06 -18.10 -35.54
N ARG A 237 26.34 -18.73 -36.69
CA ARG A 237 25.65 -19.96 -37.08
C ARG A 237 25.99 -21.14 -36.15
N ASP A 238 27.11 -21.03 -35.44
CA ASP A 238 27.54 -22.07 -34.49
C ASP A 238 26.60 -22.18 -33.29
N LEU A 239 25.97 -21.07 -32.92
CA LEU A 239 25.04 -21.04 -31.79
C LEU A 239 23.66 -21.60 -32.13
N GLU A 240 23.37 -21.76 -33.43
CA GLU A 240 22.08 -22.27 -33.86
C GLU A 240 21.88 -23.73 -33.44
N GLY A 241 20.67 -24.06 -32.99
CA GLY A 241 20.33 -25.43 -32.60
C GLY A 241 19.46 -25.49 -31.36
N THR A 242 19.10 -26.71 -30.96
CA THR A 242 18.31 -26.95 -29.75
C THR A 242 19.20 -27.30 -28.58
N TYR A 243 19.15 -26.49 -27.52
CA TYR A 243 19.91 -26.75 -26.31
C TYR A 243 19.04 -27.47 -25.27
N LEU A 244 19.70 -28.27 -24.42
CA LEU A 244 19.02 -28.91 -23.31
C LEU A 244 19.48 -28.26 -22.00
N CYS A 245 18.64 -27.39 -21.45
CA CYS A 245 18.95 -26.72 -20.19
C CYS A 245 18.56 -27.60 -19.02
N ARG A 246 19.50 -27.80 -18.09
CA ARG A 246 19.28 -28.68 -16.94
C ARG A 246 19.53 -27.92 -15.64
N ALA A 247 18.50 -27.87 -14.79
CA ALA A 247 18.60 -27.26 -13.45
C ALA A 247 18.81 -28.35 -12.42
N ARG A 248 19.69 -28.09 -11.46
CA ARG A 248 20.14 -29.11 -10.51
C ARG A 248 20.21 -28.57 -9.08
N SER A 249 19.67 -29.33 -8.14
CA SER A 249 19.78 -29.03 -6.71
C SER A 249 19.48 -30.27 -5.88
N THR A 250 19.63 -30.16 -4.57
CA THR A 250 19.43 -31.31 -3.67
C THR A 250 17.97 -31.80 -3.64
N GLN A 251 17.06 -31.01 -4.19
CA GLN A 251 15.63 -31.36 -4.20
C GLN A 251 15.16 -32.04 -5.49
N GLY A 252 16.00 -32.05 -6.52
CA GLY A 252 15.65 -32.75 -7.75
C GLY A 252 16.38 -32.24 -8.99
N GLU A 253 15.76 -32.47 -10.14
CA GLU A 253 16.38 -32.16 -11.42
C GLU A 253 15.30 -31.88 -12.47
N VAL A 254 15.49 -30.83 -13.27
CA VAL A 254 14.53 -30.44 -14.30
C VAL A 254 15.25 -30.11 -15.61
N THR A 255 14.55 -30.27 -16.74
CA THR A 255 15.08 -29.90 -18.04
C THR A 255 14.10 -29.07 -18.85
N ARG A 256 14.64 -28.21 -19.71
CA ARG A 256 13.84 -27.47 -20.69
C ARG A 256 14.63 -27.32 -21.98
N GLU A 257 13.95 -27.53 -23.12
CA GLU A 257 14.56 -27.33 -24.42
C GLU A 257 14.48 -25.86 -24.82
N VAL A 258 15.63 -25.29 -25.20
CA VAL A 258 15.72 -23.91 -25.67
C VAL A 258 16.30 -23.91 -27.07
N THR A 259 15.50 -23.49 -28.05
CA THR A 259 15.94 -23.44 -29.44
C THR A 259 16.45 -22.05 -29.78
N VAL A 260 17.63 -22.00 -30.39
CA VAL A 260 18.18 -20.75 -30.93
C VAL A 260 18.16 -20.81 -32.45
N ASN A 261 17.48 -19.84 -33.07
CA ASN A 261 17.35 -19.76 -34.53
C ASN A 261 18.09 -18.53 -35.06
N VAL A 262 19.08 -18.76 -35.91
CA VAL A 262 19.85 -17.66 -36.50
C VAL A 262 19.29 -17.27 -37.86
N LEU A 263 18.78 -16.04 -37.96
CA LEU A 263 18.33 -15.50 -39.24
C LEU A 263 19.51 -14.96 -40.02
N SER A 264 19.71 -15.49 -41.23
CA SER A 264 20.76 -15.02 -42.11
C SER A 264 20.41 -13.62 -42.62
N PRO A 265 21.43 -12.78 -42.88
CA PRO A 265 21.19 -11.40 -43.31
C PRO A 265 20.76 -11.29 -44.78
N ASP B 1 7.54 -9.08 -33.30
CA ASP B 1 7.05 -9.32 -31.91
C ASP B 1 5.60 -9.79 -31.91
N ILE B 2 5.20 -10.48 -30.85
CA ILE B 2 3.84 -11.00 -30.73
C ILE B 2 2.88 -9.89 -30.28
N LEU B 3 1.87 -9.63 -31.09
CA LEU B 3 0.91 -8.56 -30.85
C LEU B 3 -0.35 -9.13 -30.22
N LEU B 4 -0.79 -8.53 -29.11
CA LEU B 4 -2.00 -8.95 -28.41
C LEU B 4 -3.05 -7.87 -28.50
N THR B 5 -4.21 -8.21 -29.06
CA THR B 5 -5.31 -7.26 -29.21
C THR B 5 -6.48 -7.69 -28.32
N GLN B 6 -6.86 -6.81 -27.38
CA GLN B 6 -7.94 -7.08 -26.44
C GLN B 6 -9.25 -6.44 -26.88
N SER B 7 -10.36 -7.05 -26.48
CA SER B 7 -11.68 -6.52 -26.78
C SER B 7 -12.73 -6.97 -25.76
N PRO B 8 -13.68 -6.10 -25.42
CA PRO B 8 -13.79 -4.70 -25.87
C PRO B 8 -12.88 -3.79 -25.06
N ALA B 9 -12.86 -2.51 -25.40
CA ALA B 9 -12.10 -1.52 -24.64
C ALA B 9 -12.78 -1.24 -23.31
N ILE B 10 -14.09 -1.01 -23.37
CA ILE B 10 -14.89 -0.71 -22.17
C ILE B 10 -15.95 -1.79 -22.00
N LEU B 11 -16.18 -2.20 -20.76
CA LEU B 11 -17.02 -3.36 -20.46
C LEU B 11 -17.99 -3.06 -19.31
N SER B 12 -19.01 -2.26 -19.61
CA SER B 12 -20.01 -1.85 -18.62
C SER B 12 -20.98 -2.99 -18.30
N VAL B 13 -21.11 -3.32 -17.02
CA VAL B 13 -21.88 -4.48 -16.59
C VAL B 13 -22.38 -4.36 -15.14
N SER B 14 -23.56 -4.94 -14.88
CA SER B 14 -24.17 -4.88 -13.55
C SER B 14 -23.59 -5.98 -12.66
N PRO B 15 -23.61 -5.77 -11.32
CA PRO B 15 -23.11 -6.81 -10.40
C PRO B 15 -23.93 -8.09 -10.46
N GLY B 16 -23.23 -9.23 -10.41
CA GLY B 16 -23.89 -10.54 -10.47
C GLY B 16 -23.81 -11.20 -11.85
N GLU B 17 -23.53 -10.40 -12.88
CA GLU B 17 -23.47 -10.91 -14.25
C GLU B 17 -22.17 -11.68 -14.50
N ARG B 18 -22.17 -12.47 -15.57
CA ARG B 18 -20.99 -13.20 -16.01
C ARG B 18 -20.31 -12.43 -17.15
N VAL B 19 -19.18 -11.78 -16.84
CA VAL B 19 -18.45 -10.99 -17.81
C VAL B 19 -17.27 -11.77 -18.40
N SER B 20 -16.85 -11.42 -19.62
CA SER B 20 -15.74 -12.11 -20.29
C SER B 20 -14.84 -11.15 -21.08
N PHE B 21 -13.54 -11.28 -20.88
CA PHE B 21 -12.54 -10.46 -21.58
C PHE B 21 -11.90 -11.30 -22.70
N SER B 22 -11.74 -10.72 -23.88
CA SER B 22 -11.13 -11.40 -25.02
C SER B 22 -9.71 -10.88 -25.29
N CYS B 23 -8.80 -11.79 -25.64
CA CYS B 23 -7.42 -11.42 -26.01
C CYS B 23 -6.95 -12.33 -27.16
N ARG B 24 -6.77 -11.74 -28.35
CA ARG B 24 -6.33 -12.47 -29.53
C ARG B 24 -4.84 -12.23 -29.81
N ALA B 25 -4.12 -13.30 -30.14
CA ALA B 25 -2.69 -13.22 -30.44
C ALA B 25 -2.44 -13.21 -31.96
N SER B 26 -1.40 -12.52 -32.38
CA SER B 26 -1.05 -12.43 -33.80
C SER B 26 -0.44 -13.74 -34.32
N GLN B 27 0.32 -14.41 -33.46
CA GLN B 27 0.86 -15.74 -33.75
C GLN B 27 0.15 -16.78 -32.87
N SER B 28 0.52 -18.04 -33.01
CA SER B 28 0.05 -19.10 -32.13
C SER B 28 1.07 -19.30 -31.02
N ILE B 29 0.64 -19.12 -29.77
CA ILE B 29 1.55 -19.06 -28.63
C ILE B 29 1.27 -20.11 -27.55
N GLY B 30 0.60 -21.21 -27.94
CA GLY B 30 0.29 -22.29 -27.01
C GLY B 30 -0.64 -21.83 -25.89
N THR B 31 -0.15 -21.91 -24.67
CA THR B 31 -0.89 -21.42 -23.49
C THR B 31 -0.03 -20.45 -22.69
N SER B 32 0.90 -19.76 -23.35
CA SER B 32 1.78 -18.81 -22.70
C SER B 32 1.09 -17.45 -22.60
N ILE B 33 0.00 -17.40 -21.84
CA ILE B 33 -0.76 -16.16 -21.65
C ILE B 33 -1.07 -15.95 -20.16
N HIS B 34 -1.03 -14.71 -19.72
CA HIS B 34 -1.26 -14.36 -18.31
C HIS B 34 -2.14 -13.13 -18.21
N TRP B 35 -3.01 -13.09 -17.21
CA TRP B 35 -3.94 -11.99 -17.02
C TRP B 35 -3.61 -11.15 -15.78
N PHE B 36 -3.73 -9.83 -15.92
CA PHE B 36 -3.45 -8.90 -14.84
C PHE B 36 -4.62 -7.98 -14.57
N GLN B 37 -4.82 -7.64 -13.30
CA GLN B 37 -5.80 -6.64 -12.89
C GLN B 37 -5.07 -5.41 -12.40
N GLN B 38 -5.48 -4.24 -12.89
CA GLN B 38 -4.92 -2.98 -12.38
C GLN B 38 -6.01 -2.01 -11.95
N ARG B 39 -6.16 -1.85 -10.63
CA ARG B 39 -7.01 -0.82 -10.07
C ARG B 39 -6.30 0.52 -10.18
N ILE B 40 -7.06 1.60 -10.12
CA ILE B 40 -6.52 2.94 -10.32
C ILE B 40 -5.50 3.29 -9.23
N ASN B 41 -4.43 4.00 -9.62
CA ASN B 41 -3.31 4.34 -8.74
C ASN B 41 -2.56 3.14 -8.14
N GLY B 42 -2.73 1.96 -8.74
CA GLY B 42 -2.19 0.71 -8.19
C GLY B 42 -1.31 -0.04 -9.16
N SER B 43 -0.54 -0.97 -8.63
CA SER B 43 0.31 -1.83 -9.46
C SER B 43 -0.52 -2.96 -10.07
N PRO B 44 -0.09 -3.49 -11.22
CA PRO B 44 -0.78 -4.65 -11.80
C PRO B 44 -0.72 -5.88 -10.90
N ARG B 45 -1.76 -6.71 -10.99
CA ARG B 45 -1.94 -7.84 -10.08
C ARG B 45 -2.26 -9.10 -10.88
N LEU B 46 -1.36 -10.06 -10.86
CA LEU B 46 -1.51 -11.31 -11.62
C LEU B 46 -2.71 -12.10 -11.12
N LEU B 47 -3.65 -12.38 -12.03
CA LEU B 47 -4.88 -13.09 -11.71
C LEU B 47 -4.82 -14.55 -12.15
N ILE B 48 -4.54 -14.74 -13.44
CA ILE B 48 -4.51 -16.06 -14.05
C ILE B 48 -3.18 -16.26 -14.76
N GLU B 49 -2.68 -17.50 -14.70
CA GLU B 49 -1.33 -17.85 -15.12
C GLU B 49 -1.43 -18.95 -16.17
N TYR B 50 -0.72 -18.78 -17.28
CA TYR B 50 -0.69 -19.79 -18.35
C TYR B 50 -2.09 -20.22 -18.77
N ALA B 51 -2.86 -19.27 -19.30
CA ALA B 51 -4.20 -19.55 -19.82
C ALA B 51 -5.25 -19.76 -18.73
N SER B 52 -5.07 -20.81 -17.92
CA SER B 52 -6.11 -21.23 -16.97
C SER B 52 -5.65 -21.59 -15.55
N GLU B 53 -4.33 -21.64 -15.31
CA GLU B 53 -3.82 -22.02 -13.98
C GLU B 53 -4.00 -20.88 -12.98
N SER B 54 -4.63 -21.19 -11.84
CA SER B 54 -5.02 -20.17 -10.86
C SER B 54 -3.88 -19.79 -9.92
N ILE B 55 -3.88 -18.54 -9.50
CA ILE B 55 -2.88 -18.02 -8.55
C ILE B 55 -3.46 -18.05 -7.13
N SER B 56 -2.61 -18.37 -6.16
CA SER B 56 -3.01 -18.40 -4.76
C SER B 56 -3.34 -17.01 -4.24
N GLY B 57 -4.45 -16.89 -3.52
CA GLY B 57 -4.90 -15.60 -2.98
C GLY B 57 -5.80 -14.79 -3.90
N ILE B 58 -6.16 -15.37 -5.05
CA ILE B 58 -7.08 -14.72 -5.98
C ILE B 58 -8.47 -15.34 -5.84
N PRO B 59 -9.53 -14.50 -5.82
CA PRO B 59 -10.91 -15.01 -5.72
C PRO B 59 -11.24 -16.07 -6.77
N SER B 60 -12.16 -16.96 -6.43
CA SER B 60 -12.52 -18.10 -7.28
C SER B 60 -13.28 -17.68 -8.54
N ARG B 61 -13.96 -16.53 -8.48
CA ARG B 61 -14.74 -16.02 -9.63
C ARG B 61 -13.88 -15.76 -10.87
N PHE B 62 -12.60 -15.46 -10.65
CA PHE B 62 -11.65 -15.28 -11.76
C PHE B 62 -11.18 -16.63 -12.30
N SER B 63 -11.50 -16.90 -13.56
CA SER B 63 -11.04 -18.09 -14.26
C SER B 63 -10.58 -17.74 -15.67
N GLY B 64 -9.78 -18.61 -16.27
CA GLY B 64 -9.26 -18.39 -17.62
C GLY B 64 -9.41 -19.61 -18.49
N SER B 65 -9.24 -19.42 -19.80
CA SER B 65 -9.33 -20.51 -20.77
C SER B 65 -8.68 -20.12 -22.10
N GLY B 66 -8.58 -21.09 -23.00
CA GLY B 66 -8.09 -20.84 -24.36
C GLY B 66 -6.73 -21.46 -24.63
N SER B 67 -6.38 -21.53 -25.91
CA SER B 67 -5.09 -22.04 -26.35
C SER B 67 -4.83 -21.65 -27.81
N GLY B 68 -3.58 -21.31 -28.12
CA GLY B 68 -3.19 -20.95 -29.46
C GLY B 68 -3.20 -19.44 -29.69
N THR B 69 -4.28 -18.95 -30.29
CA THR B 69 -4.40 -17.53 -30.64
C THR B 69 -5.45 -16.81 -29.79
N ASP B 70 -6.59 -17.44 -29.57
CA ASP B 70 -7.68 -16.84 -28.78
C ASP B 70 -7.61 -17.25 -27.31
N PHE B 71 -7.84 -16.28 -26.43
CA PHE B 71 -7.83 -16.51 -24.98
C PHE B 71 -8.94 -15.72 -24.30
N THR B 72 -9.40 -16.19 -23.15
CA THR B 72 -10.54 -15.59 -22.45
C THR B 72 -10.35 -15.58 -20.94
N LEU B 73 -10.59 -14.42 -20.34
CA LEU B 73 -10.70 -14.29 -18.88
C LEU B 73 -12.18 -14.10 -18.55
N THR B 74 -12.65 -14.77 -17.52
CA THR B 74 -14.08 -14.74 -17.16
C THR B 74 -14.28 -14.52 -15.66
N ILE B 75 -15.22 -13.63 -15.33
CA ILE B 75 -15.65 -13.42 -13.96
C ILE B 75 -17.02 -14.05 -13.77
N ASN B 76 -17.11 -15.04 -12.88
CA ASN B 76 -18.36 -15.78 -12.65
C ASN B 76 -19.48 -14.86 -12.19
N SER B 77 -19.22 -14.14 -11.10
CA SER B 77 -20.17 -13.20 -10.54
C SER B 77 -19.43 -11.89 -10.21
N VAL B 78 -19.64 -10.88 -11.04
CA VAL B 78 -18.91 -9.62 -10.92
C VAL B 78 -19.36 -8.85 -9.69
N GLU B 79 -18.38 -8.31 -8.96
CA GLU B 79 -18.63 -7.50 -7.78
C GLU B 79 -18.14 -6.06 -8.00
N SER B 80 -18.62 -5.15 -7.15
CA SER B 80 -18.33 -3.72 -7.29
C SER B 80 -16.84 -3.38 -7.25
N GLU B 81 -16.07 -4.15 -6.47
CA GLU B 81 -14.63 -3.91 -6.32
C GLU B 81 -13.79 -4.48 -7.47
N ASP B 82 -14.45 -5.07 -8.47
CA ASP B 82 -13.75 -5.58 -9.65
C ASP B 82 -13.50 -4.49 -10.69
N ILE B 83 -13.97 -3.27 -10.43
CA ILE B 83 -13.66 -2.13 -11.30
C ILE B 83 -12.15 -1.96 -11.41
N ALA B 84 -11.64 -2.10 -12.64
CA ALA B 84 -10.21 -1.99 -12.89
C ALA B 84 -9.94 -2.13 -14.38
N ASP B 85 -8.66 -1.96 -14.75
CA ASP B 85 -8.20 -2.29 -16.08
C ASP B 85 -7.69 -3.72 -16.06
N TYR B 86 -7.94 -4.45 -17.13
CA TYR B 86 -7.51 -5.83 -17.24
C TYR B 86 -6.65 -6.01 -18.49
N TYR B 87 -5.49 -6.61 -18.32
CA TYR B 87 -4.52 -6.80 -19.40
C TYR B 87 -4.19 -8.27 -19.55
N CYS B 88 -4.07 -8.73 -20.79
CA CYS B 88 -3.45 -10.02 -21.07
C CYS B 88 -1.97 -9.77 -21.36
N GLN B 89 -1.15 -10.80 -21.13
CA GLN B 89 0.28 -10.73 -21.39
C GLN B 89 0.79 -12.08 -21.86
N GLN B 90 1.52 -12.09 -22.98
CA GLN B 90 2.14 -13.32 -23.48
C GLN B 90 3.58 -13.45 -22.98
N SER B 91 4.01 -14.70 -22.79
CA SER B 91 5.36 -15.01 -22.35
C SER B 91 5.99 -16.09 -23.24
N ASN B 92 5.51 -16.21 -24.47
CA ASN B 92 5.96 -17.25 -25.39
C ASN B 92 7.35 -16.96 -25.92
N VAL B 93 7.57 -15.72 -26.33
CA VAL B 93 8.87 -15.27 -26.83
C VAL B 93 9.08 -13.81 -26.43
N TRP B 94 10.32 -13.47 -26.06
CA TRP B 94 10.65 -12.10 -25.66
C TRP B 94 10.71 -11.21 -26.90
N PRO B 95 10.35 -9.92 -26.76
CA PRO B 95 9.95 -9.24 -25.54
C PRO B 95 8.55 -9.59 -25.10
N PHE B 96 8.30 -9.52 -23.79
CA PHE B 96 6.96 -9.66 -23.25
C PHE B 96 6.11 -8.54 -23.79
N THR B 97 4.88 -8.85 -24.19
CA THR B 97 3.96 -7.85 -24.70
C THR B 97 2.63 -7.95 -23.99
N PHE B 98 1.98 -6.80 -23.82
CA PHE B 98 0.69 -6.72 -23.14
C PHE B 98 -0.39 -6.35 -24.14
N GLY B 99 -1.65 -6.62 -23.78
CA GLY B 99 -2.79 -6.23 -24.61
C GLY B 99 -3.12 -4.76 -24.46
N SER B 100 -3.98 -4.26 -25.33
CA SER B 100 -4.39 -2.84 -25.31
C SER B 100 -5.17 -2.50 -24.04
N GLY B 101 -5.83 -3.49 -23.46
CA GLY B 101 -6.53 -3.32 -22.19
C GLY B 101 -8.04 -3.35 -22.34
N THR B 102 -8.71 -3.77 -21.27
CA THR B 102 -10.17 -3.69 -21.18
C THR B 102 -10.53 -3.07 -19.84
N LYS B 103 -11.47 -2.14 -19.86
CA LYS B 103 -11.91 -1.45 -18.66
C LYS B 103 -13.26 -1.96 -18.19
N LEU B 104 -13.33 -2.44 -16.96
CA LEU B 104 -14.57 -2.94 -16.39
C LEU B 104 -15.27 -1.84 -15.59
N GLU B 105 -16.43 -1.39 -16.09
CA GLU B 105 -17.29 -0.45 -15.38
C GLU B 105 -18.45 -1.20 -14.75
N ILE B 106 -19.02 -0.62 -13.69
CA ILE B 106 -20.13 -1.22 -12.96
C ILE B 106 -21.41 -0.41 -13.11
N LYS B 107 -22.50 -1.09 -13.47
CA LYS B 107 -23.82 -0.45 -13.55
C LYS B 107 -24.45 -0.36 -12.18
N ARG B 108 -25.31 0.63 -12.00
CA ARG B 108 -25.84 1.00 -10.68
C ARG B 108 -27.18 1.70 -10.83
N ALA B 109 -27.96 1.74 -9.76
CA ALA B 109 -29.18 2.54 -9.72
C ALA B 109 -28.83 4.02 -9.69
N ASP B 110 -29.81 4.88 -9.98
CA ASP B 110 -29.57 6.31 -9.98
C ASP B 110 -29.51 6.85 -8.56
N ALA B 111 -28.58 7.78 -8.33
CA ALA B 111 -28.44 8.45 -7.04
C ALA B 111 -28.14 9.92 -7.26
N ALA B 112 -28.88 10.79 -6.58
CA ALA B 112 -28.71 12.24 -6.72
C ALA B 112 -27.47 12.72 -5.97
N PRO B 113 -26.81 13.77 -6.48
CA PRO B 113 -25.60 14.27 -5.84
C PRO B 113 -25.88 15.14 -4.61
N THR B 114 -24.90 15.22 -3.72
CA THR B 114 -24.96 16.15 -2.58
C THR B 114 -24.10 17.37 -2.92
N VAL B 115 -24.76 18.43 -3.40
CA VAL B 115 -24.07 19.62 -3.88
C VAL B 115 -23.66 20.50 -2.70
N SER B 116 -22.46 21.07 -2.79
CA SER B 116 -21.93 21.96 -1.75
C SER B 116 -21.08 23.06 -2.37
N ILE B 117 -21.44 24.31 -2.10
CA ILE B 117 -20.70 25.47 -2.62
C ILE B 117 -19.83 26.06 -1.51
N PHE B 118 -18.68 26.63 -1.90
CA PHE B 118 -17.71 27.18 -0.95
C PHE B 118 -17.17 28.52 -1.44
N PRO B 119 -17.13 29.54 -0.55
CA PRO B 119 -16.49 30.80 -0.93
C PRO B 119 -14.96 30.70 -0.94
N PRO B 120 -14.28 31.70 -1.55
CA PRO B 120 -12.83 31.82 -1.40
C PRO B 120 -12.44 32.17 0.04
N SER B 121 -11.37 31.56 0.54
CA SER B 121 -10.92 31.80 1.90
C SER B 121 -10.24 33.16 2.02
N SER B 122 -10.07 33.62 3.25
CA SER B 122 -9.39 34.89 3.53
C SER B 122 -7.93 34.86 3.09
N GLU B 123 -7.34 33.66 3.06
CA GLU B 123 -5.96 33.48 2.60
C GLU B 123 -5.83 33.79 1.12
N GLN B 124 -6.71 33.23 0.31
CA GLN B 124 -6.65 33.38 -1.15
C GLN B 124 -6.95 34.82 -1.59
N LEU B 125 -7.83 35.49 -0.87
CA LEU B 125 -8.19 36.88 -1.18
C LEU B 125 -7.02 37.85 -0.96
N THR B 126 -6.11 37.49 -0.06
CA THR B 126 -4.91 38.30 0.20
C THR B 126 -3.94 38.22 -0.98
N SER B 127 -3.85 37.04 -1.61
CA SER B 127 -2.90 36.80 -2.70
C SER B 127 -3.30 37.46 -4.03
N GLY B 128 -4.56 37.86 -4.15
CA GLY B 128 -5.06 38.49 -5.37
C GLY B 128 -5.76 37.52 -6.32
N GLY B 129 -6.34 36.47 -5.76
CA GLY B 129 -7.10 35.48 -6.52
C GLY B 129 -8.42 35.17 -5.85
N ALA B 130 -9.33 34.53 -6.58
CA ALA B 130 -10.66 34.24 -6.06
C ALA B 130 -11.27 33.01 -6.72
N SER B 131 -11.04 31.84 -6.11
CA SER B 131 -11.56 30.57 -6.60
C SER B 131 -12.79 30.16 -5.81
N VAL B 132 -13.87 29.85 -6.52
CA VAL B 132 -15.11 29.37 -5.90
C VAL B 132 -15.28 27.87 -6.22
N VAL B 133 -15.24 27.04 -5.18
CA VAL B 133 -15.32 25.59 -5.35
C VAL B 133 -16.75 25.09 -5.16
N CYS B 134 -17.10 24.02 -5.87
CA CYS B 134 -18.42 23.43 -5.80
C CYS B 134 -18.34 21.90 -5.95
N PHE B 135 -18.43 21.18 -4.83
CA PHE B 135 -18.40 19.72 -4.85
C PHE B 135 -19.79 19.15 -5.11
N LEU B 136 -19.83 18.06 -5.87
CA LEU B 136 -21.04 17.28 -6.08
C LEU B 136 -20.69 15.80 -5.85
N ASN B 137 -21.11 15.26 -4.71
CA ASN B 137 -20.62 13.96 -4.24
C ASN B 137 -21.65 12.82 -4.32
N ASN B 138 -21.16 11.62 -4.62
CA ASN B 138 -21.95 10.39 -4.56
C ASN B 138 -23.18 10.38 -5.45
N PHE B 139 -22.95 10.37 -6.76
CA PHE B 139 -24.04 10.31 -7.73
C PHE B 139 -23.79 9.28 -8.82
N TYR B 140 -24.88 8.83 -9.44
CA TYR B 140 -24.82 7.97 -10.62
C TYR B 140 -26.04 8.26 -11.48
N PRO B 141 -25.87 8.28 -12.82
CA PRO B 141 -24.68 7.98 -13.61
C PRO B 141 -23.67 9.12 -13.65
N LYS B 142 -22.53 8.88 -14.27
CA LYS B 142 -21.42 9.83 -14.31
C LYS B 142 -21.79 11.14 -14.99
N ASP B 143 -22.62 11.07 -16.03
CA ASP B 143 -22.99 12.25 -16.82
C ASP B 143 -23.68 13.28 -15.92
N ILE B 144 -23.09 14.47 -15.82
CA ILE B 144 -23.62 15.54 -15.00
C ILE B 144 -23.09 16.87 -15.51
N ASN B 145 -23.90 17.92 -15.40
CA ASN B 145 -23.52 19.24 -15.90
C ASN B 145 -23.72 20.32 -14.84
N VAL B 146 -22.61 20.91 -14.40
CA VAL B 146 -22.63 22.02 -13.46
C VAL B 146 -22.60 23.34 -14.23
N LYS B 147 -23.47 24.25 -13.83
CA LYS B 147 -23.58 25.56 -14.48
C LYS B 147 -23.33 26.66 -13.44
N TRP B 148 -22.26 27.42 -13.65
CA TRP B 148 -21.91 28.52 -12.74
C TRP B 148 -22.67 29.79 -13.10
N LYS B 149 -23.23 30.45 -12.08
CA LYS B 149 -23.97 31.69 -12.27
C LYS B 149 -23.55 32.76 -11.27
N ILE B 150 -23.00 33.86 -11.78
CA ILE B 150 -22.60 35.00 -10.97
C ILE B 150 -23.61 36.14 -11.13
N ASP B 151 -24.43 36.36 -10.11
CA ASP B 151 -25.50 37.36 -10.14
C ASP B 151 -26.45 37.16 -11.33
N GLY B 152 -26.80 35.89 -11.61
CA GLY B 152 -27.74 35.56 -12.67
C GLY B 152 -27.09 35.16 -13.98
N SER B 153 -26.03 35.87 -14.37
CA SER B 153 -25.34 35.63 -15.63
C SER B 153 -24.49 34.36 -15.56
N GLU B 154 -24.48 33.59 -16.65
CA GLU B 154 -23.65 32.41 -16.77
C GLU B 154 -22.19 32.80 -16.93
N ARG B 155 -21.28 31.94 -16.47
CA ARG B 155 -19.85 32.16 -16.63
C ARG B 155 -19.25 31.06 -17.52
N GLN B 156 -18.79 31.46 -18.71
CA GLN B 156 -18.26 30.53 -19.69
C GLN B 156 -16.84 30.08 -19.35
N ASN B 157 -15.91 31.03 -19.29
CA ASN B 157 -14.48 30.73 -19.13
C ASN B 157 -14.05 30.63 -17.67
N GLY B 158 -12.85 30.10 -17.47
CA GLY B 158 -12.24 30.01 -16.14
C GLY B 158 -12.79 28.89 -15.26
N VAL B 159 -13.31 27.85 -15.89
CA VAL B 159 -13.91 26.72 -15.16
C VAL B 159 -13.12 25.43 -15.40
N LEU B 160 -12.74 24.76 -14.32
CA LEU B 160 -12.02 23.49 -14.38
C LEU B 160 -12.74 22.43 -13.55
N ASN B 161 -13.03 21.30 -14.17
CA ASN B 161 -13.77 20.22 -13.52
C ASN B 161 -12.94 18.96 -13.41
N SER B 162 -13.31 18.10 -12.45
CA SER B 162 -12.61 16.83 -12.26
C SER B 162 -13.52 15.80 -11.59
N TRP B 163 -13.78 14.70 -12.31
CA TRP B 163 -14.55 13.59 -11.76
C TRP B 163 -13.64 12.64 -11.01
N THR B 164 -14.15 12.03 -9.95
CA THR B 164 -13.42 10.97 -9.27
C THR B 164 -13.58 9.67 -10.04
N ASP B 165 -12.78 8.69 -9.66
CA ASP B 165 -12.96 7.33 -10.16
C ASP B 165 -14.25 6.76 -9.59
N GLN B 166 -14.80 5.74 -10.25
CA GLN B 166 -15.95 5.04 -9.74
C GLN B 166 -15.57 4.39 -8.41
N ASP B 167 -16.44 4.52 -7.41
CA ASP B 167 -16.12 4.04 -6.06
C ASP B 167 -16.17 2.52 -6.00
N SER B 168 -15.19 1.93 -5.32
CA SER B 168 -15.07 0.48 -5.24
C SER B 168 -16.26 -0.16 -4.51
N LYS B 169 -16.78 0.53 -3.50
CA LYS B 169 -17.83 -0.02 -2.64
C LYS B 169 -19.24 0.24 -3.18
N ASP B 170 -19.57 1.51 -3.41
CA ASP B 170 -20.93 1.90 -3.83
C ASP B 170 -21.06 2.25 -5.33
N SER B 171 -19.94 2.27 -6.05
CA SER B 171 -19.94 2.48 -7.51
C SER B 171 -20.48 3.84 -7.94
N THR B 172 -20.49 4.82 -7.02
CA THR B 172 -20.95 6.16 -7.33
C THR B 172 -19.78 7.02 -7.80
N TYR B 173 -20.11 8.16 -8.40
CA TYR B 173 -19.12 9.13 -8.84
C TYR B 173 -19.22 10.38 -8.01
N SER B 174 -18.16 11.20 -8.05
CA SER B 174 -18.17 12.51 -7.42
C SER B 174 -17.40 13.49 -8.30
N MET B 175 -17.78 14.76 -8.24
CA MET B 175 -17.16 15.79 -9.05
C MET B 175 -16.86 17.04 -8.23
N SER B 176 -15.72 17.66 -8.49
CA SER B 176 -15.45 19.01 -8.01
C SER B 176 -15.53 19.96 -9.19
N SER B 177 -15.92 21.19 -8.91
CA SER B 177 -15.98 22.24 -9.93
C SER B 177 -15.41 23.52 -9.37
N THR B 178 -14.44 24.10 -10.08
CA THR B 178 -13.75 25.30 -9.63
C THR B 178 -13.89 26.44 -10.63
N LEU B 179 -14.55 27.52 -10.21
CA LEU B 179 -14.57 28.77 -10.98
C LEU B 179 -13.51 29.71 -10.41
N THR B 180 -12.60 30.17 -11.26
CA THR B 180 -11.47 30.99 -10.82
C THR B 180 -11.50 32.37 -11.44
N LEU B 181 -11.85 33.37 -10.63
CA LEU B 181 -11.85 34.77 -11.05
C LEU B 181 -10.70 35.52 -10.39
N THR B 182 -10.52 36.78 -10.78
CA THR B 182 -9.55 37.66 -10.14
C THR B 182 -10.17 38.30 -8.89
N LYS B 183 -9.33 38.85 -8.02
CA LYS B 183 -9.79 39.48 -6.78
C LYS B 183 -10.74 40.65 -7.06
N ASP B 184 -10.41 41.44 -8.09
CA ASP B 184 -11.22 42.61 -8.45
C ASP B 184 -12.60 42.24 -9.00
N GLU B 185 -12.71 41.08 -9.64
CA GLU B 185 -13.97 40.63 -10.23
C GLU B 185 -14.87 40.01 -9.15
N TYR B 186 -14.28 39.21 -8.27
CA TYR B 186 -15.02 38.57 -7.19
C TYR B 186 -15.57 39.60 -6.19
N GLU B 187 -14.75 40.61 -5.88
CA GLU B 187 -15.17 41.68 -4.96
C GLU B 187 -16.12 42.68 -5.65
N ARG B 188 -16.77 42.25 -6.73
CA ARG B 188 -17.70 43.10 -7.47
C ARG B 188 -19.02 42.37 -7.80
N HIS B 189 -19.37 41.35 -7.02
CA HIS B 189 -20.62 40.62 -7.24
C HIS B 189 -21.11 39.95 -5.94
N ASN B 190 -22.41 40.03 -5.69
CA ASN B 190 -22.99 39.53 -4.45
C ASN B 190 -23.12 38.00 -4.42
N SER B 191 -24.02 37.46 -5.24
CA SER B 191 -24.39 36.05 -5.17
C SER B 191 -23.56 35.18 -6.09
N TYR B 192 -23.36 33.93 -5.69
CA TYR B 192 -22.66 32.93 -6.49
C TYR B 192 -23.38 31.60 -6.40
N THR B 193 -23.63 30.99 -7.56
CA THR B 193 -24.41 29.75 -7.61
C THR B 193 -23.80 28.73 -8.59
N CYS B 194 -23.77 27.47 -8.16
CA CYS B 194 -23.52 26.35 -9.06
C CYS B 194 -24.74 25.43 -9.05
N GLU B 195 -25.60 25.57 -10.04
CA GLU B 195 -26.73 24.66 -10.22
C GLU B 195 -26.27 23.43 -11.00
N ALA B 196 -26.81 22.26 -10.63
CA ALA B 196 -26.41 20.99 -11.23
C ALA B 196 -27.60 20.26 -11.82
N THR B 197 -27.65 20.17 -13.15
CA THR B 197 -28.66 19.36 -13.83
C THR B 197 -28.19 17.91 -13.86
N HIS B 198 -29.07 17.01 -13.43
CA HIS B 198 -28.77 15.58 -13.35
C HIS B 198 -29.99 14.76 -13.73
N LYS B 199 -29.77 13.50 -14.08
CA LYS B 199 -30.86 12.59 -14.48
C LYS B 199 -31.85 12.34 -13.33
N THR B 200 -31.38 12.43 -12.10
CA THR B 200 -32.17 12.09 -10.91
C THR B 200 -33.34 13.04 -10.62
N SER B 201 -33.30 14.23 -11.20
CA SER B 201 -34.37 15.23 -11.01
C SER B 201 -34.66 15.99 -12.31
N THR B 202 -35.91 16.42 -12.47
CA THR B 202 -36.30 17.21 -13.63
C THR B 202 -35.67 18.60 -13.56
N SER B 203 -35.90 19.30 -12.46
CA SER B 203 -35.31 20.62 -12.23
C SER B 203 -33.96 20.49 -11.53
N PRO B 204 -33.03 21.43 -11.80
CA PRO B 204 -31.67 21.34 -11.28
C PRO B 204 -31.56 21.62 -9.77
N ILE B 205 -30.60 20.97 -9.11
CA ILE B 205 -30.32 21.18 -7.69
C ILE B 205 -29.38 22.39 -7.54
N VAL B 206 -29.79 23.35 -6.71
CA VAL B 206 -29.11 24.66 -6.64
C VAL B 206 -28.64 25.01 -5.23
N LYS B 207 -27.32 25.09 -5.06
CA LYS B 207 -26.71 25.64 -3.85
C LYS B 207 -26.07 26.99 -4.15
N SER B 208 -26.19 27.93 -3.21
CA SER B 208 -25.76 29.30 -3.43
C SER B 208 -25.30 29.96 -2.13
N PHE B 209 -24.67 31.13 -2.25
CA PHE B 209 -24.26 31.92 -1.08
C PHE B 209 -24.01 33.38 -1.44
N ASN B 210 -24.09 34.26 -0.44
CA ASN B 210 -23.73 35.66 -0.58
C ASN B 210 -22.48 35.96 0.25
N ARG B 211 -21.53 36.69 -0.33
CA ARG B 211 -20.28 37.02 0.37
C ARG B 211 -20.49 38.03 1.50
N ASN B 212 -21.58 38.79 1.42
CA ASN B 212 -21.95 39.73 2.50
C ASN B 212 -22.41 38.99 3.75
N GLU B 213 -23.31 38.03 3.57
CA GLU B 213 -23.87 37.26 4.67
C GLU B 213 -23.07 35.98 4.93
N CYS B 214 -22.23 36.01 5.96
CA CYS B 214 -21.44 34.83 6.36
C CYS B 214 -22.25 33.94 7.31
N GLU C 1 7.18 -11.27 4.20
CA GLU C 1 6.35 -10.86 3.04
C GLU C 1 7.21 -10.20 1.97
N VAL C 2 6.89 -10.47 0.71
CA VAL C 2 7.63 -9.93 -0.42
C VAL C 2 7.35 -8.44 -0.58
N GLN C 3 8.42 -7.65 -0.72
CA GLN C 3 8.31 -6.20 -0.86
C GLN C 3 9.31 -5.70 -1.90
N LEU C 4 8.79 -5.01 -2.92
CA LEU C 4 9.63 -4.28 -3.87
C LEU C 4 9.43 -2.79 -3.63
N GLN C 5 10.42 -2.14 -3.03
CA GLN C 5 10.33 -0.72 -2.68
C GLN C 5 11.11 0.12 -3.67
N GLN C 6 10.39 0.87 -4.51
CA GLN C 6 11.01 1.72 -5.52
C GLN C 6 11.35 3.12 -4.97
N SER C 7 12.12 3.87 -5.75
CA SER C 7 12.76 5.11 -5.29
C SER C 7 11.82 6.30 -5.12
N GLY C 8 10.72 6.31 -5.88
CA GLY C 8 9.71 7.37 -5.74
C GLY C 8 9.88 8.53 -6.71
N PRO C 9 8.92 9.47 -6.71
CA PRO C 9 8.76 10.53 -7.72
C PRO C 9 10.05 11.23 -8.15
N GLU C 10 10.23 11.40 -9.46
CA GLU C 10 11.38 12.10 -10.02
C GLU C 10 10.92 13.20 -10.98
N LEU C 11 11.56 14.36 -10.90
CA LEU C 11 11.41 15.42 -11.90
C LEU C 11 12.79 15.74 -12.45
N VAL C 12 12.93 15.64 -13.77
CA VAL C 12 14.24 15.80 -14.41
C VAL C 12 14.17 16.66 -15.67
N GLN C 13 15.25 17.38 -15.94
CA GLN C 13 15.36 18.21 -17.14
C GLN C 13 15.39 17.33 -18.38
N PRO C 14 14.87 17.84 -19.52
CA PRO C 14 15.07 17.14 -20.79
C PRO C 14 16.56 16.97 -21.10
N GLY C 15 16.94 15.77 -21.54
CA GLY C 15 18.33 15.44 -21.81
C GLY C 15 19.06 14.88 -20.60
N ALA C 16 18.51 15.09 -19.40
CA ALA C 16 19.13 14.61 -18.16
C ALA C 16 18.87 13.12 -17.97
N SER C 17 19.41 12.57 -16.88
CA SER C 17 19.24 11.16 -16.55
C SER C 17 18.50 10.97 -15.23
N VAL C 18 18.10 9.73 -14.97
CA VAL C 18 17.46 9.37 -13.71
C VAL C 18 17.74 7.90 -13.43
N LYS C 19 17.98 7.58 -12.16
CA LYS C 19 18.30 6.21 -11.77
C LYS C 19 17.29 5.71 -10.73
N ILE C 20 16.35 4.90 -11.20
CA ILE C 20 15.30 4.34 -10.34
C ILE C 20 15.83 3.09 -9.65
N SER C 21 15.76 3.07 -8.32
CA SER C 21 16.18 1.90 -7.55
C SER C 21 14.96 1.08 -7.12
N CYS C 22 15.16 -0.23 -6.98
CA CYS C 22 14.11 -1.14 -6.53
C CYS C 22 14.69 -2.03 -5.42
N LYS C 23 14.61 -1.55 -4.19
CA LYS C 23 15.11 -2.30 -3.03
C LYS C 23 14.15 -3.43 -2.69
N THR C 24 14.64 -4.66 -2.79
CA THR C 24 13.83 -5.86 -2.60
C THR C 24 14.05 -6.46 -1.22
N SER C 25 13.07 -7.21 -0.74
CA SER C 25 13.19 -7.96 0.52
C SER C 25 12.12 -9.04 0.62
N GLY C 26 12.38 -10.02 1.48
CA GLY C 26 11.41 -11.09 1.75
C GLY C 26 11.52 -12.29 0.82
N TYR C 27 12.59 -12.37 0.05
CA TYR C 27 12.86 -13.52 -0.81
C TYR C 27 14.32 -13.53 -1.25
N THR C 28 14.76 -14.64 -1.83
CA THR C 28 16.12 -14.75 -2.34
C THR C 28 16.26 -13.93 -3.63
N PHE C 29 17.01 -12.83 -3.54
CA PHE C 29 17.15 -11.88 -4.65
C PHE C 29 17.68 -12.52 -5.93
N SER C 30 18.62 -13.45 -5.80
CA SER C 30 19.26 -14.08 -6.95
C SER C 30 18.46 -15.25 -7.56
N GLU C 31 17.32 -15.58 -6.96
CA GLU C 31 16.50 -16.69 -7.45
C GLU C 31 15.71 -16.31 -8.70
N PHE C 32 15.21 -15.09 -8.75
CA PHE C 32 14.32 -14.66 -9.83
C PHE C 32 14.94 -13.55 -10.69
N THR C 33 14.57 -13.54 -11.96
CA THR C 33 14.95 -12.44 -12.85
C THR C 33 14.11 -11.21 -12.52
N MET C 34 14.76 -10.04 -12.57
CA MET C 34 14.07 -8.78 -12.31
C MET C 34 13.70 -8.13 -13.64
N HIS C 35 12.41 -7.87 -13.82
CA HIS C 35 11.90 -7.24 -15.03
C HIS C 35 11.51 -5.80 -14.74
N TRP C 36 11.53 -4.97 -15.77
CA TRP C 36 11.13 -3.57 -15.65
C TRP C 36 10.08 -3.23 -16.69
N VAL C 37 8.98 -2.66 -16.24
CA VAL C 37 7.86 -2.30 -17.11
C VAL C 37 7.61 -0.81 -17.07
N LYS C 38 7.15 -0.26 -18.19
CA LYS C 38 6.77 1.14 -18.30
C LYS C 38 5.28 1.24 -18.55
N GLN C 39 4.63 2.21 -17.91
CA GLN C 39 3.23 2.51 -18.19
C GLN C 39 3.07 3.99 -18.47
N SER C 40 2.69 4.32 -19.70
CA SER C 40 2.38 5.69 -20.08
C SER C 40 1.07 6.11 -19.43
N HIS C 41 0.81 7.42 -19.42
CA HIS C 41 -0.39 7.94 -18.77
C HIS C 41 -1.66 7.62 -19.57
N GLY C 42 -1.49 7.17 -20.81
CA GLY C 42 -2.58 6.59 -21.59
C GLY C 42 -2.95 5.17 -21.17
N LYS C 43 -2.22 4.64 -20.18
CA LYS C 43 -2.50 3.33 -19.58
C LYS C 43 -2.25 2.18 -20.56
N SER C 44 -1.00 2.05 -21.00
CA SER C 44 -0.57 0.91 -21.81
C SER C 44 0.79 0.42 -21.32
N LEU C 45 0.83 -0.83 -20.85
CA LEU C 45 2.04 -1.40 -20.27
C LEU C 45 3.02 -1.81 -21.36
N GLU C 46 4.30 -1.77 -21.03
CA GLU C 46 5.36 -2.04 -21.99
C GLU C 46 6.62 -2.55 -21.28
N TRP C 47 7.03 -3.77 -21.62
CA TRP C 47 8.21 -4.40 -21.03
C TRP C 47 9.48 -3.71 -21.52
N ILE C 48 10.25 -3.15 -20.60
CA ILE C 48 11.49 -2.46 -20.94
C ILE C 48 12.60 -3.48 -21.17
N GLY C 49 12.77 -4.35 -20.18
CA GLY C 49 13.81 -5.36 -20.23
C GLY C 49 13.89 -6.14 -18.94
N GLY C 50 14.80 -7.11 -18.90
CA GLY C 50 15.02 -7.91 -17.70
C GLY C 50 16.50 -8.04 -17.42
N ILE C 51 16.84 -8.32 -16.16
CA ILE C 51 18.23 -8.50 -15.76
C ILE C 51 18.40 -9.76 -14.93
N ASN C 52 19.42 -10.55 -15.27
CA ASN C 52 19.74 -11.75 -14.50
C ASN C 52 20.34 -11.35 -13.15
N THR C 53 19.77 -11.88 -12.08
CA THR C 53 20.11 -11.46 -10.72
C THR C 53 21.27 -12.24 -10.10
N ILE C 54 21.88 -13.15 -10.87
CA ILE C 54 23.09 -13.85 -10.44
C ILE C 54 24.31 -13.20 -11.09
N ASN C 55 24.31 -13.15 -12.43
CA ASN C 55 25.48 -12.72 -13.20
C ASN C 55 25.39 -11.30 -13.78
N GLY C 56 24.25 -10.64 -13.59
CA GLY C 56 24.09 -9.25 -14.02
C GLY C 56 23.86 -9.07 -15.51
N GLY C 57 23.64 -10.17 -16.23
CA GLY C 57 23.36 -10.13 -17.65
C GLY C 57 21.96 -9.62 -17.91
N SER C 58 21.83 -8.66 -18.82
CA SER C 58 20.56 -7.99 -19.09
C SER C 58 20.11 -8.14 -20.54
N SER C 59 18.80 -8.07 -20.75
CA SER C 59 18.21 -8.14 -22.09
C SER C 59 17.14 -7.06 -22.24
N TYR C 60 17.18 -6.35 -23.36
CA TYR C 60 16.33 -5.17 -23.59
C TYR C 60 15.47 -5.29 -24.83
N LYS C 61 14.30 -4.67 -24.78
CA LYS C 61 13.46 -4.46 -25.95
C LYS C 61 14.16 -3.45 -26.86
N GLN C 62 14.01 -3.62 -28.17
CA GLN C 62 14.75 -2.81 -29.16
C GLN C 62 14.58 -1.30 -28.95
N SER C 63 13.37 -0.89 -28.55
CA SER C 63 13.07 0.52 -28.31
C SER C 63 13.95 1.13 -27.22
N PHE C 64 14.15 0.38 -26.13
CA PHE C 64 14.85 0.89 -24.94
C PHE C 64 16.34 0.56 -24.90
N LYS C 65 16.88 0.07 -26.01
CA LYS C 65 18.33 -0.15 -26.11
C LYS C 65 19.03 1.21 -26.22
N ASP C 66 20.00 1.43 -25.33
CA ASP C 66 20.70 2.74 -25.19
C ASP C 66 19.93 3.73 -24.31
N LYS C 67 18.60 3.67 -24.35
CA LYS C 67 17.75 4.49 -23.49
C LYS C 67 17.83 3.99 -22.05
N ALA C 68 17.59 2.70 -21.85
CA ALA C 68 17.57 2.08 -20.52
C ALA C 68 18.81 1.23 -20.25
N THR C 69 19.27 1.22 -19.00
CA THR C 69 20.40 0.40 -18.58
C THR C 69 20.12 -0.26 -17.22
N LEU C 70 19.94 -1.58 -17.23
CA LEU C 70 19.64 -2.33 -16.01
C LEU C 70 20.93 -2.76 -15.32
N THR C 71 20.96 -2.59 -14.00
CA THR C 71 22.09 -3.05 -13.17
C THR C 71 21.58 -3.60 -11.84
N VAL C 72 22.50 -4.15 -11.05
CA VAL C 72 22.14 -4.89 -9.84
C VAL C 72 23.25 -4.79 -8.78
N ASP C 73 22.84 -4.60 -7.53
CA ASP C 73 23.74 -4.70 -6.38
C ASP C 73 23.29 -5.89 -5.52
N LYS C 74 23.96 -7.03 -5.71
CA LYS C 74 23.51 -8.29 -5.11
C LYS C 74 23.56 -8.29 -3.58
N SER C 75 24.57 -7.62 -3.01
CA SER C 75 24.72 -7.55 -1.56
C SER C 75 23.52 -6.88 -0.90
N SER C 76 23.08 -5.75 -1.46
CA SER C 76 21.94 -5.00 -0.94
C SER C 76 20.60 -5.46 -1.52
N SER C 77 20.63 -6.48 -2.39
CA SER C 77 19.43 -6.98 -3.05
C SER C 77 18.63 -5.84 -3.67
N THR C 78 19.27 -5.08 -4.55
CA THR C 78 18.66 -3.90 -5.17
C THR C 78 18.89 -3.90 -6.68
N ALA C 79 17.84 -3.56 -7.42
CA ALA C 79 17.92 -3.43 -8.88
C ALA C 79 17.81 -1.96 -9.27
N TYR C 80 18.70 -1.51 -10.15
CA TYR C 80 18.70 -0.13 -10.62
C TYR C 80 18.45 -0.08 -12.12
N MET C 81 17.50 0.77 -12.54
CA MET C 81 17.33 1.10 -13.95
C MET C 81 17.69 2.56 -14.16
N GLU C 82 18.67 2.82 -15.02
CA GLU C 82 19.03 4.19 -15.38
C GLU C 82 18.43 4.53 -16.74
N LEU C 83 17.76 5.69 -16.82
CA LEU C 83 17.25 6.22 -18.08
C LEU C 83 18.04 7.48 -18.44
N ASN C 84 18.45 7.60 -19.70
CA ASN C 84 19.23 8.75 -20.14
C ASN C 84 18.68 9.39 -21.43
N SER C 85 19.17 10.60 -21.72
CA SER C 85 18.70 11.38 -22.88
C SER C 85 17.18 11.57 -22.84
N LEU C 86 16.68 11.90 -21.65
CA LEU C 86 15.23 11.89 -21.39
C LEU C 86 14.49 12.94 -22.20
N THR C 87 13.42 12.52 -22.86
CA THR C 87 12.51 13.42 -23.56
C THR C 87 11.16 13.39 -22.87
N SER C 88 10.21 14.18 -23.37
CA SER C 88 8.85 14.20 -22.82
C SER C 88 8.13 12.86 -22.99
N GLU C 89 8.52 12.11 -24.02
CA GLU C 89 7.95 10.78 -24.29
C GLU C 89 8.31 9.78 -23.20
N ASP C 90 9.39 10.05 -22.45
CA ASP C 90 9.84 9.18 -21.37
C ASP C 90 9.11 9.42 -20.05
N SER C 91 8.23 10.42 -20.01
CA SER C 91 7.41 10.69 -18.83
C SER C 91 6.35 9.61 -18.65
N ALA C 92 6.45 8.86 -17.57
CA ALA C 92 5.52 7.76 -17.30
C ALA C 92 5.78 7.16 -15.92
N VAL C 93 5.02 6.13 -15.56
CA VAL C 93 5.27 5.37 -14.34
C VAL C 93 6.07 4.11 -14.68
N TYR C 94 7.17 3.89 -13.97
CA TYR C 94 8.04 2.73 -14.20
C TYR C 94 7.97 1.73 -13.04
N TYR C 95 7.81 0.45 -13.38
CA TYR C 95 7.66 -0.61 -12.38
C TYR C 95 8.78 -1.63 -12.48
N CYS C 96 9.38 -1.99 -11.33
CA CYS C 96 10.16 -3.22 -11.23
C CYS C 96 9.19 -4.35 -10.89
N ALA C 97 9.46 -5.54 -11.42
CA ALA C 97 8.64 -6.72 -11.14
C ALA C 97 9.52 -7.96 -11.12
N THR C 98 9.09 -8.99 -10.40
CA THR C 98 9.88 -10.22 -10.27
C THR C 98 9.02 -11.47 -10.10
N LYS C 99 9.68 -12.63 -10.11
CA LYS C 99 9.03 -13.94 -10.09
C LYS C 99 7.93 -14.04 -11.15
N GLY C 100 8.33 -13.91 -12.41
CA GLY C 100 7.39 -13.97 -13.52
C GLY C 100 6.22 -13.02 -13.35
N PHE C 101 6.53 -11.79 -12.91
CA PHE C 101 5.52 -10.74 -12.71
C PHE C 101 4.47 -11.11 -11.66
N ALA C 102 4.89 -11.80 -10.61
CA ALA C 102 3.99 -12.12 -9.49
C ALA C 102 4.05 -11.02 -8.42
N TYR C 103 5.21 -10.39 -8.27
CA TYR C 103 5.39 -9.29 -7.33
C TYR C 103 5.88 -8.05 -8.07
N TRP C 104 5.17 -6.94 -7.88
CA TRP C 104 5.51 -5.67 -8.51
C TRP C 104 5.91 -4.65 -7.45
N GLY C 105 6.64 -3.62 -7.88
CA GLY C 105 6.88 -2.45 -7.03
C GLY C 105 5.70 -1.49 -7.09
N GLN C 106 5.71 -0.45 -6.25
CA GLN C 106 4.59 0.48 -6.18
C GLN C 106 4.51 1.43 -7.38
N GLY C 107 5.60 1.48 -8.16
CA GLY C 107 5.68 2.37 -9.32
C GLY C 107 6.46 3.63 -9.00
N THR C 108 7.15 4.16 -10.01
CA THR C 108 7.87 5.43 -9.87
C THR C 108 7.45 6.38 -10.98
N LEU C 109 6.80 7.48 -10.59
CA LEU C 109 6.39 8.50 -11.55
C LEU C 109 7.58 9.36 -11.93
N VAL C 110 8.00 9.24 -13.19
CA VAL C 110 9.08 10.07 -13.73
C VAL C 110 8.46 11.17 -14.61
N THR C 111 8.86 12.41 -14.36
CA THR C 111 8.36 13.56 -15.11
C THR C 111 9.52 14.28 -15.79
N VAL C 112 9.40 14.47 -17.10
CA VAL C 112 10.41 15.20 -17.88
C VAL C 112 9.84 16.54 -18.31
N SER C 113 10.35 17.61 -17.71
CA SER C 113 9.86 18.96 -18.01
C SER C 113 10.88 20.02 -17.62
N ALA C 114 11.01 21.04 -18.47
CA ALA C 114 11.87 22.19 -18.20
C ALA C 114 11.23 23.12 -17.16
N ALA C 115 9.92 22.97 -16.95
CA ALA C 115 9.22 23.74 -15.93
C ALA C 115 9.77 23.44 -14.54
N LYS C 116 9.97 24.48 -13.74
CA LYS C 116 10.54 24.32 -12.40
C LYS C 116 9.49 23.91 -11.38
N THR C 117 9.95 23.45 -10.23
CA THR C 117 9.07 23.03 -9.14
C THR C 117 8.41 24.24 -8.48
N THR C 118 7.12 24.13 -8.21
CA THR C 118 6.36 25.19 -7.55
C THR C 118 5.54 24.59 -6.40
N PRO C 119 5.70 25.14 -5.18
CA PRO C 119 4.94 24.61 -4.05
C PRO C 119 3.48 25.02 -4.11
N PRO C 120 2.57 24.19 -3.56
CA PRO C 120 1.16 24.46 -3.63
C PRO C 120 0.71 25.52 -2.63
N SER C 121 -0.30 26.30 -3.01
CA SER C 121 -1.01 27.15 -2.08
C SER C 121 -2.24 26.40 -1.58
N VAL C 122 -2.27 26.09 -0.29
CA VAL C 122 -3.38 25.37 0.31
C VAL C 122 -4.39 26.35 0.88
N TYR C 123 -5.64 26.26 0.40
CA TYR C 123 -6.72 27.09 0.90
C TYR C 123 -7.83 26.21 1.48
N PRO C 124 -8.34 26.59 2.68
CA PRO C 124 -9.43 25.83 3.29
C PRO C 124 -10.78 26.21 2.69
N LEU C 125 -11.74 25.30 2.76
CA LEU C 125 -13.08 25.54 2.24
C LEU C 125 -14.12 25.17 3.29
N ALA C 126 -14.96 26.13 3.66
CA ALA C 126 -16.04 25.91 4.61
C ALA C 126 -17.24 26.78 4.26
N PRO C 127 -18.45 26.34 4.66
CA PRO C 127 -19.68 27.06 4.31
C PRO C 127 -19.86 28.36 5.11
N ASN C 134 -29.15 14.29 5.69
CA ASN C 134 -29.80 15.39 6.39
C ASN C 134 -28.96 15.89 7.56
N SER C 135 -28.74 17.21 7.60
CA SER C 135 -27.96 17.86 8.67
C SER C 135 -26.58 17.21 8.87
N MET C 136 -25.70 17.39 7.90
CA MET C 136 -24.33 16.86 7.97
C MET C 136 -23.38 17.70 7.12
N VAL C 137 -22.41 18.32 7.77
CA VAL C 137 -21.51 19.29 7.13
C VAL C 137 -20.54 18.61 6.15
N THR C 138 -20.18 19.35 5.10
CA THR C 138 -19.16 18.92 4.15
C THR C 138 -18.07 19.99 4.05
N LEU C 139 -16.84 19.61 4.37
CA LEU C 139 -15.70 20.53 4.33
C LEU C 139 -14.82 20.23 3.12
N GLY C 140 -13.96 21.18 2.76
CA GLY C 140 -13.13 21.05 1.58
C GLY C 140 -11.70 21.55 1.77
N CYS C 141 -10.89 21.40 0.74
CA CYS C 141 -9.47 21.74 0.80
C CYS C 141 -8.89 21.94 -0.60
N LEU C 142 -8.62 23.19 -0.96
CA LEU C 142 -8.16 23.55 -2.31
C LEU C 142 -6.64 23.66 -2.39
N VAL C 143 -6.01 22.72 -3.09
CA VAL C 143 -4.56 22.71 -3.29
C VAL C 143 -4.23 23.21 -4.70
N LYS C 144 -3.97 24.51 -4.82
CA LYS C 144 -3.92 25.19 -6.11
C LYS C 144 -2.51 25.61 -6.54
N GLY C 145 -2.19 25.35 -7.81
CA GLY C 145 -1.01 25.90 -8.44
C GLY C 145 0.30 25.27 -7.97
N TYR C 146 0.52 24.02 -8.35
CA TYR C 146 1.77 23.33 -7.99
C TYR C 146 2.32 22.51 -9.15
N PHE C 147 3.60 22.20 -9.07
CA PHE C 147 4.26 21.37 -10.07
C PHE C 147 5.55 20.80 -9.46
N PRO C 148 5.85 19.52 -9.71
CA PRO C 148 5.10 18.52 -10.45
C PRO C 148 4.16 17.72 -9.54
N GLU C 149 3.50 16.72 -10.11
CA GLU C 149 2.79 15.71 -9.33
C GLU C 149 3.81 14.85 -8.56
N PRO C 150 3.37 14.08 -7.56
CA PRO C 150 2.04 14.01 -6.97
C PRO C 150 1.93 14.82 -5.67
N VAL C 151 0.75 14.81 -5.07
CA VAL C 151 0.49 15.48 -3.81
C VAL C 151 -0.34 14.58 -2.90
N THR C 152 0.06 14.49 -1.63
CA THR C 152 -0.61 13.65 -0.65
C THR C 152 -1.50 14.50 0.25
N VAL C 153 -2.82 14.34 0.10
CA VAL C 153 -3.78 15.02 0.96
C VAL C 153 -4.44 14.03 1.91
N THR C 154 -4.45 14.37 3.20
CA THR C 154 -5.12 13.57 4.22
C THR C 154 -5.78 14.52 5.22
N TRP C 155 -6.51 13.96 6.19
CA TRP C 155 -7.24 14.76 7.17
C TRP C 155 -6.91 14.31 8.59
N ASN C 156 -6.49 15.27 9.42
CA ASN C 156 -6.11 15.00 10.80
C ASN C 156 -5.08 13.85 10.89
N SER C 157 -4.02 13.97 10.09
CA SER C 157 -2.97 12.95 10.01
C SER C 157 -3.53 11.58 9.61
N GLY C 158 -4.47 11.57 8.67
CA GLY C 158 -5.07 10.33 8.17
C GLY C 158 -6.03 9.66 9.13
N SER C 159 -6.56 10.43 10.08
CA SER C 159 -7.54 9.91 11.03
C SER C 159 -8.89 9.75 10.36
N LEU C 160 -9.38 10.83 9.76
CA LEU C 160 -10.63 10.81 9.01
C LEU C 160 -10.40 10.20 7.63
N SER C 161 -10.37 8.87 7.57
CA SER C 161 -10.10 8.15 6.33
C SER C 161 -11.38 7.98 5.50
N SER C 162 -12.42 7.42 6.13
CA SER C 162 -13.68 7.14 5.45
C SER C 162 -14.45 8.43 5.15
N GLY C 163 -15.25 8.40 4.09
CA GLY C 163 -16.05 9.55 3.68
C GLY C 163 -15.24 10.69 3.07
N VAL C 164 -14.12 10.34 2.44
CA VAL C 164 -13.23 11.33 1.85
C VAL C 164 -13.17 11.15 0.32
N HIS C 165 -13.26 12.26 -0.40
CA HIS C 165 -13.12 12.26 -1.86
C HIS C 165 -11.99 13.21 -2.25
N THR C 166 -10.85 12.66 -2.65
CA THR C 166 -9.76 13.45 -3.20
C THR C 166 -9.83 13.36 -4.73
N PHE C 167 -10.02 14.50 -5.37
CA PHE C 167 -10.28 14.55 -6.81
C PHE C 167 -8.98 14.56 -7.60
N PRO C 168 -8.97 13.88 -8.77
CA PRO C 168 -7.80 13.90 -9.65
C PRO C 168 -7.37 15.31 -10.01
N ALA C 169 -6.06 15.58 -9.95
CA ALA C 169 -5.53 16.90 -10.27
C ALA C 169 -5.67 17.16 -11.77
N VAL C 170 -5.74 18.44 -12.14
CA VAL C 170 -5.85 18.84 -13.53
C VAL C 170 -4.85 19.95 -13.84
N LEU C 171 -4.26 19.89 -15.04
CA LEU C 171 -3.25 20.85 -15.45
C LEU C 171 -3.89 22.04 -16.15
N GLN C 172 -3.49 23.24 -15.75
CA GLN C 172 -3.94 24.47 -16.40
C GLN C 172 -2.81 25.50 -16.38
N SER C 173 -2.23 25.73 -17.55
CA SER C 173 -1.10 26.66 -17.73
C SER C 173 0.12 26.27 -16.88
N ASP C 174 0.66 25.09 -17.16
CA ASP C 174 1.91 24.60 -16.57
C ASP C 174 1.88 24.36 -15.05
N LEU C 175 0.69 24.37 -14.46
CA LEU C 175 0.52 24.21 -13.02
C LEU C 175 -0.71 23.35 -12.70
N TYR C 176 -0.54 22.39 -11.81
CA TYR C 176 -1.63 21.49 -11.42
C TYR C 176 -2.53 22.13 -10.37
N THR C 177 -3.77 21.65 -10.32
CA THR C 177 -4.74 22.12 -9.32
C THR C 177 -5.59 20.94 -8.85
N LEU C 178 -5.64 20.75 -7.54
CA LEU C 178 -6.30 19.61 -6.94
C LEU C 178 -7.16 20.06 -5.77
N SER C 179 -8.18 19.28 -5.45
CA SER C 179 -9.05 19.55 -4.32
C SER C 179 -9.41 18.26 -3.58
N SER C 180 -9.91 18.41 -2.36
CA SER C 180 -10.36 17.26 -1.57
C SER C 180 -11.59 17.60 -0.76
N SER C 181 -12.36 16.59 -0.41
CA SER C 181 -13.62 16.77 0.31
C SER C 181 -13.75 15.78 1.44
N VAL C 182 -14.43 16.20 2.51
CA VAL C 182 -14.68 15.35 3.66
C VAL C 182 -16.03 15.69 4.28
N THR C 183 -16.80 14.65 4.62
CA THR C 183 -18.13 14.82 5.18
C THR C 183 -18.21 14.17 6.56
N VAL C 184 -18.48 14.98 7.57
CA VAL C 184 -18.60 14.51 8.96
C VAL C 184 -19.87 15.08 9.58
N PRO C 185 -20.39 14.43 10.65
CA PRO C 185 -21.59 14.90 11.34
C PRO C 185 -21.56 16.41 11.64
N SER C 186 -22.68 17.08 11.42
CA SER C 186 -22.79 18.52 11.65
C SER C 186 -22.72 18.88 13.13
N SER C 187 -23.02 17.90 13.99
CA SER C 187 -22.88 18.07 15.44
C SER C 187 -21.41 18.05 15.88
N THR C 188 -20.56 17.39 15.10
CA THR C 188 -19.13 17.26 15.42
C THR C 188 -18.26 18.31 14.73
N TRP C 189 -18.86 19.43 14.31
CA TRP C 189 -18.13 20.54 13.72
C TRP C 189 -18.95 21.83 13.78
N PRO C 190 -18.32 22.96 14.18
CA PRO C 190 -16.92 23.16 14.53
C PRO C 190 -16.61 22.92 16.02
N SER C 191 -17.33 22.00 16.65
CA SER C 191 -17.06 21.62 18.05
C SER C 191 -15.73 20.86 18.15
N GLU C 192 -15.45 20.02 17.16
CA GLU C 192 -14.17 19.31 17.06
C GLU C 192 -13.36 19.85 15.88
N THR C 193 -12.03 19.72 15.96
CA THR C 193 -11.13 20.28 14.96
C THR C 193 -11.08 19.43 13.69
N VAL C 194 -10.93 20.09 12.56
CA VAL C 194 -10.73 19.43 11.27
C VAL C 194 -9.63 20.17 10.48
N THR C 195 -8.50 19.50 10.28
CA THR C 195 -7.36 20.10 9.59
C THR C 195 -7.04 19.32 8.32
N CYS C 196 -6.73 20.05 7.25
CA CYS C 196 -6.33 19.45 5.97
C CYS C 196 -4.82 19.31 5.91
N ASN C 197 -4.33 18.07 5.87
CA ASN C 197 -2.89 17.77 5.87
C ASN C 197 -2.37 17.49 4.47
N VAL C 198 -1.91 18.53 3.78
CA VAL C 198 -1.37 18.42 2.43
C VAL C 198 0.15 18.23 2.46
N ALA C 199 0.68 17.51 1.47
CA ALA C 199 2.11 17.26 1.37
C ALA C 199 2.57 17.22 -0.09
N HIS C 200 3.60 18.00 -0.42
CA HIS C 200 4.16 18.04 -1.76
C HIS C 200 5.67 17.75 -1.69
N PRO C 201 6.05 16.46 -1.76
CA PRO C 201 7.44 15.99 -1.59
C PRO C 201 8.50 16.72 -2.42
N ALA C 202 8.15 17.08 -3.66
CA ALA C 202 9.10 17.71 -4.58
C ALA C 202 9.57 19.07 -4.08
N SER C 203 8.67 19.82 -3.43
CA SER C 203 9.00 21.13 -2.88
C SER C 203 9.30 21.09 -1.38
N SER C 204 9.21 19.89 -0.79
CA SER C 204 9.38 19.70 0.66
C SER C 204 8.37 20.53 1.46
N THR C 205 7.11 20.53 1.02
CA THR C 205 6.04 21.30 1.66
C THR C 205 5.17 20.38 2.52
N LYS C 206 4.71 20.90 3.65
CA LYS C 206 3.85 20.16 4.55
C LYS C 206 2.96 21.13 5.34
N VAL C 207 1.89 21.58 4.70
CA VAL C 207 0.98 22.58 5.29
C VAL C 207 -0.18 21.90 6.01
N ASP C 208 -0.65 22.53 7.08
CA ASP C 208 -1.79 22.04 7.85
C ASP C 208 -2.79 23.17 8.08
N LYS C 209 -3.82 23.22 7.23
CA LYS C 209 -4.81 24.30 7.29
C LYS C 209 -6.09 23.85 8.03
N LYS C 210 -6.40 24.54 9.12
CA LYS C 210 -7.62 24.30 9.88
C LYS C 210 -8.80 24.98 9.20
N ILE C 211 -9.94 24.31 9.15
CA ILE C 211 -11.13 24.83 8.49
C ILE C 211 -11.93 25.70 9.46
N VAL C 212 -11.80 27.02 9.31
CA VAL C 212 -12.49 27.97 10.19
C VAL C 212 -13.93 28.23 9.69
N PRO C 213 -14.91 28.31 10.62
CA PRO C 213 -16.27 28.66 10.23
C PRO C 213 -16.38 30.04 9.59
N ARG C 214 -17.13 30.12 8.48
CA ARG C 214 -17.30 31.37 7.73
C ARG C 214 -18.78 31.60 7.42
C1 NAG D . 6.12 25.77 53.32
C2 NAG D . 5.42 26.38 54.54
C3 NAG D . 4.38 27.42 54.13
C4 NAG D . 4.98 28.45 53.18
C5 NAG D . 5.69 27.76 52.03
C6 NAG D . 6.45 28.77 51.16
C7 NAG D . 4.88 25.31 56.67
C8 NAG D . 4.16 24.19 57.36
N2 NAG D . 4.79 25.35 55.34
O3 NAG D . 3.91 28.08 55.29
O4 NAG D . 3.95 29.28 52.68
O5 NAG D . 6.62 26.82 52.50
O6 NAG D . 7.56 29.26 51.90
O7 NAG D . 5.53 26.12 57.34
C1 FUC D . 7.98 30.54 51.37
C2 FUC D . 8.98 31.19 52.32
C3 FUC D . 10.32 30.47 52.30
C4 FUC D . 10.80 30.28 50.86
C5 FUC D . 9.70 29.65 50.00
C6 FUC D . 10.15 29.55 48.54
O2 FUC D . 8.46 31.17 53.64
O3 FUC D . 11.27 31.21 53.02
O4 FUC D . 11.16 31.52 50.31
O5 FUC D . 8.54 30.45 50.07
C1 NAG E . -0.31 11.87 71.08
C2 NAG E . -0.80 11.83 72.54
C3 NAG E . -1.80 12.94 72.91
C4 NAG E . -1.56 14.26 72.17
C5 NAG E . -1.23 14.02 70.71
C6 NAG E . -0.98 15.31 69.94
C7 NAG E . -0.72 9.45 73.19
C8 NAG E . -1.52 8.20 73.44
N2 NAG E . -1.41 10.53 72.83
O3 NAG E . -1.73 13.17 74.31
O4 NAG E . -2.74 15.04 72.27
O5 NAG E . -0.08 13.21 70.67
O6 NAG E . 0.09 16.02 70.52
O7 NAG E . 0.51 9.44 73.32
C1 NAG F . 2.91 -8.45 17.99
C2 NAG F . 2.95 -7.82 16.59
C3 NAG F . 3.59 -6.43 16.55
C4 NAG F . 3.17 -5.57 17.73
C5 NAG F . 3.31 -6.35 19.02
C6 NAG F . 2.88 -5.51 20.22
C7 NAG F . 3.00 -9.62 14.94
C8 NAG F . 3.87 -10.46 14.04
N2 NAG F . 3.63 -8.71 15.67
O3 NAG F . 3.22 -5.78 15.35
O4 NAG F . 3.98 -4.40 17.78
O5 NAG F . 2.49 -7.49 18.95
O6 NAG F . 3.90 -4.57 20.52
O7 NAG F . 1.78 -9.81 14.97
S SO4 G . 25.92 -33.12 -15.50
O1 SO4 G . 25.31 -34.45 -15.58
O2 SO4 G . 25.13 -32.16 -16.27
O3 SO4 G . 25.97 -32.70 -14.10
O4 SO4 G . 27.28 -33.18 -16.03
S SO4 H . -10.47 -9.14 -4.10
O1 SO4 H . -9.90 -10.37 -3.53
O2 SO4 H . -11.85 -8.99 -3.65
O3 SO4 H . -9.68 -8.00 -3.65
O4 SO4 H . -10.44 -9.22 -5.56
ZN ZN I . 5.89 -8.53 -34.51
ZN ZN J . -17.77 41.76 -13.81
C TRS K . -13.29 -16.10 -2.02
C1 TRS K . -13.33 -14.71 -1.38
C2 TRS K . -11.93 -16.72 -2.37
C3 TRS K . -14.64 -16.81 -2.42
N TRS K . -13.30 -15.44 -3.34
O1 TRS K . -13.24 -14.84 0.05
O2 TRS K . -12.01 -17.55 -3.53
O3 TRS K . -14.42 -17.86 -3.37
C TRS L . -12.93 6.18 -14.38
C1 TRS L . -14.11 6.11 -15.34
C2 TRS L . -11.63 6.43 -15.13
C3 TRS L . -12.79 4.92 -13.52
N TRS L . -13.16 7.34 -13.46
O1 TRS L . -15.11 5.18 -14.88
O2 TRS L . -10.57 6.79 -14.23
O3 TRS L . -13.75 4.93 -12.47
#